data_3HLK
#
_entry.id   3HLK
#
_cell.length_a   124.557
_cell.length_b   124.557
_cell.length_c   131.950
_cell.angle_alpha   90.00
_cell.angle_beta   90.00
_cell.angle_gamma   120.00
#
_symmetry.space_group_name_H-M   'P 31 2 1'
#
loop_
_entity.id
_entity.type
_entity.pdbx_description
1 polymer 'Acyl-coenzyme A thioesterase 2, mitochondrial'
2 water water
#
_entity_poly.entity_id   1
_entity_poly.type   'polypeptide(L)'
_entity_poly.pdbx_seq_one_letter_code
;GSPQLRQVGQIIRVPAR(MSE)AATLILEPAGRCCWDEPVRIAVRGLAPEQPVTLRASLRDEKGALFQAHARYRADTLGE
LDLERAPALGGSFAGLEP(MSE)GLLWALEPEKPLVRLVKRDVRTPLAVELEVLDGHDPDPGRLLCQTRHERYFLPPGVR
REPVRVGRVRGTLFLPPEPGPFPGIVD(MSE)FGTGGGLLEYRASLLAGKGFAV(MSE)ALAYYNYEDLPKT(MSE)ETL
HLEYFEEA(MSE)NYLLSHPEVKGPGVGLLGISKGGELCLS(MSE)ASFLKGITAAVVINGSVANVGGTLRYKGETLPPV
GVNRNRIKVTKDGYADIVDVLNSPLEGPDQKSFIPVERAESTFLFLVGQDDHNWKSEFYANEACKRLQAHGRRKPQIICY
PETGHYIEPPYFPLCRASLHALVGSPIIWGGEPRAHA(MSE)AQVDAWKQLQTFFHKHLGGHEGTIPSKVLEHHHHHH
;
_entity_poly.pdbx_strand_id   A,B
#
# COMPACT_ATOMS: atom_id res chain seq x y z
N ARG A 13 -61.82 60.84 7.74
CA ARG A 13 -61.07 59.64 7.26
C ARG A 13 -59.58 59.67 7.66
N VAL A 14 -59.17 58.61 8.36
CA VAL A 14 -57.78 58.45 8.82
C VAL A 14 -56.83 58.34 7.62
N PRO A 15 -55.57 58.74 7.77
CA PRO A 15 -54.61 58.59 6.67
C PRO A 15 -54.39 57.13 6.24
N ALA A 16 -53.87 56.95 5.03
CA ALA A 16 -53.54 55.62 4.55
C ALA A 16 -52.46 55.01 5.46
N ARG A 17 -52.38 53.68 5.50
CA ARG A 17 -51.34 52.99 6.23
C ARG A 17 -49.95 53.41 5.75
N MSE A 18 -48.98 53.44 6.66
CA MSE A 18 -47.59 53.72 6.26
C MSE A 18 -47.04 52.59 5.39
O MSE A 18 -47.57 51.48 5.40
CB MSE A 18 -46.69 53.95 7.49
CG MSE A 18 -47.02 55.24 8.26
SE MSE A 18 -45.87 55.59 9.63
CE MSE A 18 -46.05 54.17 10.61
N ALA A 19 -46.01 52.90 4.60
CA ALA A 19 -45.39 51.96 3.67
C ALA A 19 -44.91 50.68 4.38
N ALA A 20 -44.82 49.58 3.63
CA ALA A 20 -44.16 48.36 4.14
C ALA A 20 -42.70 48.65 4.50
N THR A 21 -42.18 47.82 5.39
CA THR A 21 -40.85 47.95 5.97
C THR A 21 -40.18 46.57 6.00
N LEU A 22 -38.91 46.49 5.62
CA LEU A 22 -38.11 45.25 5.78
C LEU A 22 -37.36 45.29 7.11
N ILE A 23 -37.39 44.18 7.83
CA ILE A 23 -36.71 44.01 9.10
C ILE A 23 -35.74 42.82 8.99
N LEU A 24 -34.47 43.04 9.33
CA LEU A 24 -33.51 41.94 9.32
C LEU A 24 -32.99 41.63 10.72
N GLU A 25 -32.75 40.35 10.98
CA GLU A 25 -32.04 39.90 12.18
C GLU A 25 -30.89 38.98 11.76
N PRO A 26 -29.64 39.33 12.08
CA PRO A 26 -29.26 40.58 12.77
C PRO A 26 -29.40 41.84 11.91
N ALA A 27 -29.79 42.95 12.53
CA ALA A 27 -29.99 44.22 11.83
C ALA A 27 -28.68 44.91 11.45
N GLY A 28 -27.65 44.72 12.26
CA GLY A 28 -26.33 45.33 12.02
C GLY A 28 -25.36 44.43 11.28
N ARG A 29 -24.10 44.37 11.73
CA ARG A 29 -23.01 43.82 10.91
C ARG A 29 -22.97 42.30 10.79
N CYS A 30 -23.25 41.85 9.57
CA CYS A 30 -23.36 40.44 9.30
C CYS A 30 -22.16 39.99 8.45
N CYS A 31 -21.48 38.94 8.86
CA CYS A 31 -20.42 38.36 8.04
C CYS A 31 -21.00 37.57 6.88
N TRP A 32 -20.22 37.44 5.82
CA TRP A 32 -20.61 36.71 4.63
C TRP A 32 -21.07 35.26 4.90
N ASP A 33 -20.47 34.64 5.90
CA ASP A 33 -20.74 33.25 6.21
C ASP A 33 -21.88 33.04 7.23
N GLU A 34 -22.57 34.12 7.58
CA GLU A 34 -23.60 34.08 8.61
C GLU A 34 -24.99 34.19 8.01
N PRO A 35 -25.92 33.37 8.53
CA PRO A 35 -27.32 33.50 8.14
C PRO A 35 -27.99 34.79 8.65
N VAL A 36 -28.92 35.30 7.85
CA VAL A 36 -29.76 36.44 8.22
C VAL A 36 -31.24 36.07 8.08
N ARG A 37 -32.08 36.60 8.95
CA ARG A 37 -33.52 36.36 8.89
C ARG A 37 -34.20 37.63 8.37
N ILE A 38 -34.93 37.48 7.28
CA ILE A 38 -35.53 38.61 6.56
C ILE A 38 -37.04 38.58 6.78
N ALA A 39 -37.60 39.71 7.17
CA ALA A 39 -39.04 39.83 7.31
C ALA A 39 -39.51 41.16 6.70
N VAL A 40 -40.76 41.18 6.26
CA VAL A 40 -41.42 42.39 5.74
C VAL A 40 -42.69 42.51 6.53
N ARG A 41 -42.98 43.72 7.00
CA ARG A 41 -44.26 44.02 7.66
C ARG A 41 -44.94 45.18 6.97
N GLY A 42 -46.26 45.23 7.08
CA GLY A 42 -47.05 46.32 6.50
C GLY A 42 -47.50 46.05 5.07
N LEU A 43 -47.47 44.81 4.63
CA LEU A 43 -48.12 44.42 3.37
C LEU A 43 -49.62 44.23 3.61
N ALA A 44 -50.38 44.07 2.53
CA ALA A 44 -51.79 43.70 2.64
C ALA A 44 -51.90 42.23 3.07
N PRO A 45 -53.00 41.83 3.72
CA PRO A 45 -53.18 40.44 4.10
C PRO A 45 -53.12 39.58 2.85
N GLU A 46 -52.32 38.51 2.88
CA GLU A 46 -52.19 37.55 1.78
C GLU A 46 -51.72 38.16 0.45
N GLN A 47 -51.08 39.34 0.51
CA GLN A 47 -50.51 39.97 -0.67
C GLN A 47 -49.45 39.11 -1.34
N PRO A 48 -49.63 38.83 -2.63
CA PRO A 48 -48.61 38.17 -3.41
C PRO A 48 -47.50 39.18 -3.73
N VAL A 49 -46.26 38.79 -3.43
CA VAL A 49 -45.10 39.62 -3.71
C VAL A 49 -43.94 38.82 -4.28
N THR A 50 -43.00 39.55 -4.84
CA THR A 50 -41.77 39.00 -5.33
C THR A 50 -40.64 39.70 -4.58
N LEU A 51 -39.74 38.90 -3.99
CA LEU A 51 -38.51 39.45 -3.38
C LEU A 51 -37.40 39.23 -4.38
N ARG A 52 -36.55 40.23 -4.52
CA ARG A 52 -35.44 40.16 -5.45
C ARG A 52 -34.19 40.62 -4.72
N ALA A 53 -33.16 39.78 -4.77
CA ALA A 53 -31.85 40.14 -4.22
C ALA A 53 -30.89 40.43 -5.37
N SER A 54 -30.13 41.51 -5.24
CA SER A 54 -29.18 41.96 -6.26
C SER A 54 -27.85 42.28 -5.59
N LEU A 55 -26.78 41.90 -6.27
CA LEU A 55 -25.43 42.11 -5.79
C LEU A 55 -24.58 42.48 -6.99
N ARG A 56 -23.68 43.44 -6.81
CA ARG A 56 -22.66 43.77 -7.80
C ARG A 56 -21.29 43.45 -7.20
N ASP A 57 -20.48 42.67 -7.91
CA ASP A 57 -19.16 42.34 -7.38
C ASP A 57 -18.15 43.48 -7.61
N GLU A 58 -16.88 43.24 -7.27
CA GLU A 58 -15.87 44.30 -7.36
C GLU A 58 -15.49 44.68 -8.81
N LYS A 59 -15.92 43.84 -9.76
CA LYS A 59 -15.75 44.04 -11.19
C LYS A 59 -17.00 44.66 -11.84
N GLY A 60 -17.95 45.10 -11.01
CA GLY A 60 -19.24 45.62 -11.45
C GLY A 60 -20.26 44.62 -11.97
N ALA A 61 -19.96 43.32 -11.86
CA ALA A 61 -20.81 42.25 -12.39
C ALA A 61 -22.05 41.95 -11.54
N LEU A 62 -23.21 41.89 -12.18
CA LEU A 62 -24.51 41.69 -11.50
C LEU A 62 -24.82 40.22 -11.20
N PHE A 63 -25.20 39.96 -9.95
CA PHE A 63 -25.74 38.67 -9.55
C PHE A 63 -27.12 38.94 -8.94
N GLN A 64 -28.10 38.10 -9.30
CA GLN A 64 -29.48 38.28 -8.86
C GLN A 64 -30.18 36.95 -8.54
N ALA A 65 -31.14 37.00 -7.62
CA ALA A 65 -32.09 35.91 -7.40
C ALA A 65 -33.43 36.53 -7.05
N HIS A 66 -34.50 35.78 -7.28
CA HIS A 66 -35.84 36.21 -6.92
C HIS A 66 -36.70 35.01 -6.54
N ALA A 67 -37.69 35.25 -5.69
CA ALA A 67 -38.68 34.23 -5.40
C ALA A 67 -40.01 34.90 -5.12
N ARG A 68 -41.09 34.18 -5.45
CA ARG A 68 -42.43 34.62 -5.17
C ARG A 68 -42.84 34.15 -3.79
N TYR A 69 -43.60 34.99 -3.11
CA TYR A 69 -44.11 34.70 -1.78
C TYR A 69 -45.53 35.24 -1.64
N ARG A 70 -46.16 34.93 -0.51
CA ARG A 70 -47.43 35.52 -0.16
C ARG A 70 -47.34 35.91 1.33
N ALA A 71 -47.65 37.17 1.65
CA ALA A 71 -47.71 37.60 3.05
C ALA A 71 -48.77 36.77 3.80
N ASP A 72 -48.68 36.68 5.12
CA ASP A 72 -49.72 35.97 5.88
C ASP A 72 -50.95 36.88 6.09
N THR A 73 -51.88 36.46 6.94
CA THR A 73 -53.10 37.23 7.18
C THR A 73 -52.87 38.56 7.91
N LEU A 74 -51.68 38.72 8.49
CA LEU A 74 -51.31 39.96 9.16
C LEU A 74 -50.53 40.90 8.23
N GLY A 75 -50.35 40.50 6.98
CA GLY A 75 -49.53 41.28 6.07
C GLY A 75 -48.05 41.20 6.41
N GLU A 76 -47.65 40.08 7.05
CA GLU A 76 -46.26 39.84 7.38
C GLU A 76 -45.69 38.74 6.48
N LEU A 77 -44.48 38.97 5.98
CA LEU A 77 -43.73 37.95 5.27
C LEU A 77 -42.39 37.74 5.98
N ASP A 78 -42.23 36.57 6.59
CA ASP A 78 -41.02 36.25 7.35
C ASP A 78 -40.42 35.01 6.70
N LEU A 79 -39.18 35.12 6.19
CA LEU A 79 -38.59 34.01 5.41
C LEU A 79 -38.18 32.75 6.21
N GLU A 80 -38.16 32.84 7.53
CA GLU A 80 -38.05 31.60 8.34
C GLU A 80 -39.42 30.98 8.68
N ARG A 81 -40.49 31.56 8.15
CA ARG A 81 -41.85 31.07 8.42
C ARG A 81 -42.64 30.81 7.15
N ALA A 82 -42.34 31.57 6.10
CA ALA A 82 -43.09 31.47 4.84
C ALA A 82 -42.20 30.86 3.75
N PRO A 83 -42.70 29.87 3.01
CA PRO A 83 -41.88 29.27 1.96
C PRO A 83 -41.91 30.08 0.68
N ALA A 84 -40.81 30.04 -0.07
CA ALA A 84 -40.79 30.52 -1.46
C ALA A 84 -41.68 29.59 -2.29
N LEU A 85 -42.43 30.19 -3.21
CA LEU A 85 -43.46 29.49 -3.97
C LEU A 85 -42.92 29.12 -5.34
N GLY A 86 -41.80 29.76 -5.70
CA GLY A 86 -41.15 29.51 -6.98
C GLY A 86 -40.30 30.72 -7.37
N GLY A 87 -39.57 30.59 -8.47
CA GLY A 87 -38.62 31.63 -8.89
C GLY A 87 -37.24 31.01 -8.99
N SER A 88 -36.26 31.62 -8.35
CA SER A 88 -34.91 31.02 -8.32
C SER A 88 -34.88 29.74 -7.47
N PHE A 89 -35.90 29.56 -6.62
CA PHE A 89 -35.98 28.39 -5.72
C PHE A 89 -37.39 28.26 -5.11
N ALA A 90 -37.67 27.14 -4.45
CA ALA A 90 -38.94 26.94 -3.76
C ALA A 90 -38.68 26.29 -2.42
N GLY A 91 -39.62 26.43 -1.50
CA GLY A 91 -39.49 25.82 -0.18
C GLY A 91 -39.12 26.79 0.92
N LEU A 92 -39.11 26.28 2.15
CA LEU A 92 -38.74 27.08 3.29
C LEU A 92 -37.22 27.22 3.24
N GLU A 93 -36.77 28.28 2.57
CA GLU A 93 -35.33 28.47 2.30
C GLU A 93 -34.93 29.90 2.65
N PRO A 94 -34.70 30.14 3.95
CA PRO A 94 -34.47 31.49 4.46
C PRO A 94 -33.31 32.22 3.76
N MSE A 95 -32.31 31.46 3.31
CA MSE A 95 -31.12 32.00 2.68
C MSE A 95 -31.06 31.82 1.18
O MSE A 95 -30.02 32.05 0.58
CB MSE A 95 -29.86 31.42 3.33
CG MSE A 95 -29.62 31.96 4.76
SE MSE A 95 -29.32 33.77 4.81
CE MSE A 95 -27.64 33.80 4.19
N GLY A 96 -32.17 31.38 0.60
CA GLY A 96 -32.23 31.07 -0.83
C GLY A 96 -31.92 32.29 -1.71
N LEU A 97 -32.35 33.48 -1.29
CA LEU A 97 -32.07 34.71 -2.05
C LEU A 97 -30.58 34.99 -2.18
N LEU A 98 -29.78 34.37 -1.32
CA LEU A 98 -28.33 34.46 -1.40
C LEU A 98 -27.72 33.25 -2.06
N TRP A 99 -28.07 32.03 -1.62
CA TRP A 99 -27.40 30.85 -2.24
C TRP A 99 -27.81 30.59 -3.69
N ALA A 100 -28.98 31.11 -4.09
CA ALA A 100 -29.47 30.93 -5.44
C ALA A 100 -29.10 32.06 -6.39
N LEU A 101 -28.25 32.98 -5.94
CA LEU A 101 -27.82 34.10 -6.79
C LEU A 101 -27.20 33.60 -8.10
N GLU A 102 -27.62 34.18 -9.21
CA GLU A 102 -27.11 33.80 -10.54
C GLU A 102 -26.56 35.01 -11.29
N PRO A 103 -25.44 34.85 -12.00
CA PRO A 103 -24.84 35.96 -12.74
C PRO A 103 -25.73 36.36 -13.91
N GLU A 104 -25.87 37.65 -14.12
CA GLU A 104 -26.62 38.20 -15.26
C GLU A 104 -26.02 37.71 -16.57
N LYS A 105 -24.69 37.70 -16.64
CA LYS A 105 -23.95 37.22 -17.79
C LYS A 105 -23.43 35.83 -17.47
N PRO A 106 -23.86 34.83 -18.24
CA PRO A 106 -23.35 33.47 -18.06
C PRO A 106 -21.83 33.43 -18.15
N LEU A 107 -21.23 32.51 -17.42
CA LEU A 107 -19.77 32.28 -17.41
C LEU A 107 -18.99 33.17 -16.44
N VAL A 108 -19.68 34.11 -15.80
CA VAL A 108 -19.06 35.07 -14.89
C VAL A 108 -18.89 34.44 -13.50
N ARG A 109 -17.64 34.38 -13.04
CA ARG A 109 -17.33 34.03 -11.65
C ARG A 109 -17.41 35.30 -10.84
N LEU A 110 -17.95 35.19 -9.62
CA LEU A 110 -17.99 36.32 -8.70
C LEU A 110 -16.57 36.74 -8.29
N VAL A 111 -16.27 38.04 -8.41
CA VAL A 111 -14.96 38.58 -7.99
C VAL A 111 -15.07 39.37 -6.67
N LYS A 112 -14.52 38.78 -5.60
CA LYS A 112 -14.35 39.47 -4.31
C LYS A 112 -12.94 39.29 -3.74
N ARG A 113 -12.18 40.39 -3.68
CA ARG A 113 -10.75 40.33 -3.37
C ARG A 113 -10.32 41.21 -2.19
N ASP A 114 -10.99 42.34 -2.01
CA ASP A 114 -10.69 43.23 -0.92
C ASP A 114 -11.59 42.91 0.26
N VAL A 115 -11.04 42.23 1.26
CA VAL A 115 -11.81 41.75 2.42
C VAL A 115 -12.19 42.88 3.36
N ARG A 116 -11.61 44.06 3.13
CA ARG A 116 -11.83 45.20 4.00
C ARG A 116 -13.15 45.93 3.71
N THR A 117 -13.78 45.66 2.57
CA THR A 117 -15.10 46.26 2.23
C THR A 117 -16.15 45.16 2.13
N PRO A 118 -17.39 45.45 2.50
CA PRO A 118 -18.46 44.46 2.40
C PRO A 118 -18.96 44.27 0.97
N LEU A 119 -19.68 43.17 0.73
CA LEU A 119 -20.56 43.04 -0.43
C LEU A 119 -21.96 43.40 0.04
N ALA A 120 -22.62 44.29 -0.72
CA ALA A 120 -23.99 44.71 -0.43
C ALA A 120 -24.96 43.88 -1.22
N VAL A 121 -26.00 43.38 -0.55
CA VAL A 121 -27.10 42.73 -1.23
C VAL A 121 -28.29 43.68 -1.12
N GLU A 122 -28.78 44.13 -2.27
CA GLU A 122 -29.97 44.96 -2.30
C GLU A 122 -31.18 44.06 -2.30
N LEU A 123 -32.07 44.26 -1.34
CA LEU A 123 -33.29 43.46 -1.25
C LEU A 123 -34.49 44.34 -1.63
N GLU A 124 -35.24 43.89 -2.63
CA GLU A 124 -36.45 44.59 -3.06
C GLU A 124 -37.66 43.71 -2.81
N VAL A 125 -38.72 44.32 -2.32
CA VAL A 125 -40.05 43.70 -2.29
C VAL A 125 -40.88 44.35 -3.40
N LEU A 126 -41.26 43.56 -4.39
CA LEU A 126 -42.04 44.05 -5.54
C LEU A 126 -43.45 43.48 -5.50
N ASP A 127 -44.42 44.29 -5.89
CA ASP A 127 -45.81 43.86 -5.89
C ASP A 127 -46.10 42.82 -6.97
N GLY A 128 -46.81 41.76 -6.57
CA GLY A 128 -47.32 40.76 -7.51
C GLY A 128 -46.38 39.62 -7.89
N HIS A 129 -46.92 38.69 -8.66
CA HIS A 129 -46.19 37.52 -9.13
C HIS A 129 -45.91 37.53 -10.62
N ASP A 130 -46.18 38.65 -11.28
CA ASP A 130 -45.92 38.80 -12.71
C ASP A 130 -44.43 38.63 -13.03
N PRO A 131 -44.10 38.03 -14.18
CA PRO A 131 -42.71 37.80 -14.56
C PRO A 131 -41.96 39.11 -14.75
N ASP A 132 -42.69 40.12 -15.20
CA ASP A 132 -42.27 41.52 -15.21
C ASP A 132 -42.72 42.20 -13.90
N PRO A 133 -41.76 42.56 -13.05
CA PRO A 133 -42.04 43.01 -11.68
C PRO A 133 -42.98 44.21 -11.55
N GLY A 134 -43.86 44.15 -10.54
CA GLY A 134 -44.71 45.29 -10.19
C GLY A 134 -43.93 46.42 -9.54
N ARG A 135 -44.65 47.30 -8.84
CA ARG A 135 -44.02 48.43 -8.21
C ARG A 135 -43.23 48.05 -6.96
N LEU A 136 -42.19 48.81 -6.69
CA LEU A 136 -41.36 48.60 -5.54
C LEU A 136 -42.09 49.05 -4.30
N LEU A 137 -42.33 48.11 -3.40
CA LEU A 137 -43.05 48.37 -2.17
C LEU A 137 -42.12 48.74 -1.03
N CYS A 138 -40.91 48.18 -1.04
CA CYS A 138 -39.86 48.58 -0.10
C CYS A 138 -38.54 47.93 -0.46
N GLN A 139 -37.46 48.44 0.12
CA GLN A 139 -36.12 47.98 -0.18
C GLN A 139 -35.23 48.24 1.02
N THR A 140 -34.13 47.50 1.07
CA THR A 140 -33.12 47.71 2.07
C THR A 140 -31.79 47.20 1.53
N ARG A 141 -30.71 47.75 2.05
CA ARG A 141 -29.36 47.31 1.69
C ARG A 141 -28.80 46.47 2.84
N HIS A 142 -28.37 45.26 2.51
CA HIS A 142 -27.85 44.35 3.52
C HIS A 142 -26.37 44.15 3.24
N GLU A 143 -25.51 44.75 4.07
CA GLU A 143 -24.07 44.62 3.88
C GLU A 143 -23.55 43.36 4.56
N ARG A 144 -22.69 42.65 3.84
CA ARG A 144 -22.08 41.42 4.34
C ARG A 144 -20.57 41.53 4.28
N TYR A 145 -19.94 41.35 5.44
CA TYR A 145 -18.53 41.69 5.67
C TYR A 145 -17.65 40.44 5.61
N PHE A 146 -16.38 40.66 5.28
CA PHE A 146 -15.43 39.57 5.10
C PHE A 146 -14.33 39.58 6.16
N LEU A 147 -14.26 40.69 6.90
CA LEU A 147 -13.34 40.83 8.01
C LEU A 147 -14.20 40.80 9.27
N PRO A 148 -14.24 39.66 9.95
CA PRO A 148 -15.04 39.49 11.17
C PRO A 148 -14.61 40.49 12.24
N PRO A 149 -15.44 40.65 13.28
CA PRO A 149 -15.18 41.66 14.33
C PRO A 149 -13.82 41.50 15.01
N GLY A 150 -12.96 42.50 14.85
CA GLY A 150 -11.69 42.57 15.54
C GLY A 150 -10.60 41.74 14.93
N VAL A 151 -10.87 41.12 13.78
CA VAL A 151 -9.87 40.35 13.05
C VAL A 151 -8.85 41.29 12.41
N ARG A 152 -7.58 40.98 12.63
CA ARG A 152 -6.49 41.84 12.18
C ARG A 152 -5.89 41.28 10.93
N ARG A 153 -5.79 42.14 9.91
CA ARG A 153 -5.15 41.78 8.66
C ARG A 153 -3.70 42.28 8.65
N GLU A 154 -2.76 41.36 8.45
CA GLU A 154 -1.32 41.66 8.45
C GLU A 154 -0.62 41.05 7.23
N PRO A 155 -0.36 41.85 6.20
CA PRO A 155 0.37 41.35 5.03
C PRO A 155 1.75 40.77 5.40
N VAL A 156 2.17 39.73 4.68
CA VAL A 156 3.40 38.99 4.99
C VAL A 156 4.37 39.19 3.83
N ARG A 157 5.56 39.70 4.18
CA ARG A 157 6.66 39.87 3.24
C ARG A 157 7.93 39.60 4.01
N VAL A 158 8.28 38.33 4.13
CA VAL A 158 9.40 37.88 4.95
C VAL A 158 10.19 36.87 4.13
N GLY A 159 11.45 37.20 3.85
CA GLY A 159 12.26 36.39 2.95
C GLY A 159 11.63 36.48 1.57
N ARG A 160 11.32 35.32 0.99
CA ARG A 160 10.62 35.29 -0.29
C ARG A 160 9.12 35.03 -0.13
N VAL A 161 8.70 34.79 1.12
CA VAL A 161 7.31 34.43 1.43
C VAL A 161 6.35 35.61 1.23
N ARG A 162 5.29 35.36 0.45
CA ARG A 162 4.27 36.37 0.16
C ARG A 162 2.88 35.82 0.50
N GLY A 163 2.18 36.52 1.38
CA GLY A 163 0.82 36.14 1.75
C GLY A 163 0.24 37.16 2.68
N THR A 164 -0.89 36.84 3.30
CA THR A 164 -1.53 37.73 4.23
C THR A 164 -2.02 36.94 5.42
N LEU A 165 -1.65 37.42 6.59
CA LEU A 165 -2.00 36.78 7.85
C LEU A 165 -3.24 37.44 8.42
N PHE A 166 -4.17 36.62 8.88
CA PHE A 166 -5.33 37.10 9.59
C PHE A 166 -5.30 36.56 11.01
N LEU A 167 -5.51 37.42 11.99
CA LEU A 167 -5.47 37.01 13.39
C LEU A 167 -6.77 37.44 14.06
N PRO A 168 -7.28 36.64 14.99
CA PRO A 168 -8.41 37.08 15.81
C PRO A 168 -7.99 38.26 16.69
N PRO A 169 -8.94 38.92 17.37
CA PRO A 169 -8.57 39.95 18.33
C PRO A 169 -7.81 39.35 19.51
N GLU A 170 -6.92 40.14 20.11
CA GLU A 170 -6.15 39.69 21.29
C GLU A 170 -7.08 39.30 22.45
N PRO A 171 -6.60 38.46 23.37
CA PRO A 171 -5.23 37.93 23.38
C PRO A 171 -5.06 36.59 22.66
N GLY A 172 -3.85 36.36 22.13
CA GLY A 172 -3.45 35.04 21.65
C GLY A 172 -3.00 34.15 22.80
N PRO A 173 -2.32 33.03 22.50
CA PRO A 173 -2.00 32.62 21.15
C PRO A 173 -3.12 31.84 20.45
N PHE A 174 -3.00 31.64 19.14
CA PHE A 174 -4.04 31.02 18.34
C PHE A 174 -3.50 29.81 17.59
N PRO A 175 -4.34 28.82 17.30
CA PRO A 175 -3.95 27.75 16.39
C PRO A 175 -3.69 28.35 15.01
N GLY A 176 -2.60 27.96 14.36
CA GLY A 176 -2.26 28.51 13.06
C GLY A 176 -2.61 27.60 11.89
N ILE A 177 -3.16 28.21 10.83
CA ILE A 177 -3.50 27.52 9.59
C ILE A 177 -2.87 28.21 8.38
N VAL A 178 -2.31 27.44 7.46
CA VAL A 178 -1.89 27.95 6.14
C VAL A 178 -3.02 27.67 5.14
N ASP A 179 -3.48 28.71 4.45
CA ASP A 179 -4.64 28.65 3.57
C ASP A 179 -4.20 28.79 2.11
N MSE A 180 -4.61 27.87 1.23
CA MSE A 180 -4.13 27.90 -0.16
C MSE A 180 -5.22 27.62 -1.18
O MSE A 180 -5.99 26.67 -1.03
CB MSE A 180 -3.01 26.88 -0.38
CG MSE A 180 -1.63 27.22 0.23
SE MSE A 180 -0.43 25.86 0.12
CE MSE A 180 -1.11 24.80 1.40
N PHE A 181 -5.26 28.42 -2.23
CA PHE A 181 -6.17 28.15 -3.35
C PHE A 181 -5.38 27.55 -4.50
N GLY A 182 -6.08 27.15 -5.56
CA GLY A 182 -5.44 26.47 -6.68
C GLY A 182 -4.93 27.41 -7.77
N THR A 183 -4.77 26.86 -8.97
CA THR A 183 -4.21 27.63 -10.09
C THR A 183 -5.03 28.87 -10.37
N GLY A 184 -4.35 29.91 -10.87
CA GLY A 184 -4.96 31.17 -11.20
C GLY A 184 -4.02 32.30 -10.84
N GLY A 185 -3.04 31.99 -9.98
CA GLY A 185 -2.08 32.99 -9.49
C GLY A 185 -2.73 34.06 -8.63
N GLY A 186 -1.92 34.91 -8.01
CA GLY A 186 -2.45 35.95 -7.15
C GLY A 186 -2.71 35.42 -5.76
N LEU A 187 -3.54 36.12 -5.00
CA LEU A 187 -3.83 35.75 -3.62
C LEU A 187 -5.29 35.99 -3.29
N LEU A 188 -6.03 34.93 -2.96
CA LEU A 188 -7.39 35.06 -2.45
C LEU A 188 -7.38 35.03 -0.93
N GLU A 189 -7.89 36.10 -0.33
CA GLU A 189 -7.82 36.29 1.11
C GLU A 189 -9.13 36.01 1.83
N TYR A 190 -10.21 35.84 1.07
CA TYR A 190 -11.54 35.89 1.71
C TYR A 190 -11.88 34.72 2.62
N ARG A 191 -11.27 33.56 2.38
CA ARG A 191 -11.55 32.39 3.20
C ARG A 191 -10.80 32.52 4.53
N ALA A 192 -9.52 32.91 4.42
CA ALA A 192 -8.66 33.12 5.60
C ALA A 192 -9.25 34.17 6.54
N SER A 193 -9.72 35.30 5.98
CA SER A 193 -10.26 36.37 6.81
C SER A 193 -11.51 35.91 7.55
N LEU A 194 -12.40 35.21 6.85
CA LEU A 194 -13.60 34.62 7.45
C LEU A 194 -13.27 33.57 8.51
N LEU A 195 -12.28 32.72 8.21
CA LEU A 195 -11.90 31.65 9.14
C LEU A 195 -11.22 32.15 10.41
N ALA A 196 -10.47 33.24 10.30
CA ALA A 196 -9.89 33.88 11.49
C ALA A 196 -10.98 34.29 12.48
N GLY A 197 -12.20 34.46 11.99
CA GLY A 197 -13.34 34.79 12.85
C GLY A 197 -13.76 33.65 13.75
N LYS A 198 -13.15 32.46 13.55
CA LYS A 198 -13.49 31.25 14.31
C LYS A 198 -12.44 30.89 15.34
N GLY A 199 -11.47 31.79 15.52
CA GLY A 199 -10.44 31.62 16.53
C GLY A 199 -9.11 31.14 16.00
N PHE A 200 -8.90 31.16 14.67
CA PHE A 200 -7.64 30.69 14.08
C PHE A 200 -6.79 31.84 13.53
N ALA A 201 -5.48 31.73 13.68
CA ALA A 201 -4.55 32.55 12.90
C ALA A 201 -4.43 31.90 11.52
N VAL A 202 -4.80 32.62 10.47
CA VAL A 202 -4.82 32.01 9.14
C VAL A 202 -4.03 32.83 8.16
N MSE A 203 -3.00 32.21 7.58
CA MSE A 203 -2.25 32.85 6.51
C MSE A 203 -2.73 32.38 5.15
O MSE A 203 -2.53 31.22 4.77
CB MSE A 203 -0.75 32.59 6.65
CG MSE A 203 0.13 33.50 5.77
SE MSE A 203 1.90 33.25 6.07
CE MSE A 203 1.85 33.35 7.86
N ALA A 204 -3.38 33.28 4.42
CA ALA A 204 -3.58 33.10 2.99
C ALA A 204 -2.21 33.14 2.32
N LEU A 205 -1.80 32.04 1.68
CA LEU A 205 -0.45 31.95 1.10
C LEU A 205 -0.42 31.99 -0.43
N ALA A 206 0.30 32.95 -1.01
CA ALA A 206 0.52 32.95 -2.46
C ALA A 206 1.76 32.13 -2.85
N TYR A 207 1.78 31.57 -4.06
CA TYR A 207 2.94 30.81 -4.51
C TYR A 207 3.35 31.05 -5.97
N TYR A 208 2.52 31.76 -6.73
CA TYR A 208 2.98 32.27 -8.03
C TYR A 208 2.13 33.44 -8.50
N ASN A 209 2.71 34.25 -9.39
CA ASN A 209 2.02 35.38 -10.03
C ASN A 209 1.36 36.32 -9.02
N TYR A 210 2.16 36.80 -8.07
CA TYR A 210 1.70 37.75 -7.07
C TYR A 210 2.93 38.45 -6.51
N GLU A 211 2.87 39.78 -6.51
CA GLU A 211 4.01 40.61 -6.11
C GLU A 211 5.29 40.13 -6.81
N ASP A 212 6.37 39.88 -6.06
CA ASP A 212 7.66 39.52 -6.67
C ASP A 212 7.90 38.00 -6.85
N LEU A 213 6.85 37.20 -6.66
CA LEU A 213 6.93 35.75 -6.87
C LEU A 213 7.16 35.40 -8.33
N PRO A 214 7.68 34.20 -8.61
CA PRO A 214 7.81 33.72 -9.99
C PRO A 214 6.46 33.76 -10.70
N LYS A 215 6.46 34.24 -11.95
CA LYS A 215 5.23 34.53 -12.68
C LYS A 215 4.46 33.27 -13.06
N THR A 216 5.15 32.15 -13.15
CA THR A 216 4.54 30.88 -13.50
C THR A 216 4.83 29.79 -12.46
N MSE A 217 4.13 28.66 -12.59
CA MSE A 217 4.37 27.53 -11.69
C MSE A 217 4.89 26.30 -12.45
O MSE A 217 4.58 25.16 -12.09
CB MSE A 217 3.11 27.19 -10.88
CG MSE A 217 1.85 27.02 -11.69
SE MSE A 217 0.53 25.84 -10.81
CE MSE A 217 1.26 24.07 -11.36
N GLU A 218 5.70 26.56 -13.48
CA GLU A 218 6.36 25.52 -14.28
C GLU A 218 7.12 24.55 -13.39
N THR A 219 7.80 25.11 -12.41
CA THR A 219 8.45 24.36 -11.35
C THR A 219 8.06 25.00 -10.03
N LEU A 220 7.67 24.17 -9.05
CA LEU A 220 7.42 24.66 -7.70
C LEU A 220 8.38 23.99 -6.74
N HIS A 221 8.91 24.79 -5.81
CA HIS A 221 9.86 24.30 -4.83
C HIS A 221 9.22 24.25 -3.46
N LEU A 222 9.05 23.07 -2.90
CA LEU A 222 8.45 22.92 -1.57
C LEU A 222 9.19 23.67 -0.47
N GLU A 223 10.46 23.98 -0.71
CA GLU A 223 11.26 24.81 0.22
C GLU A 223 10.56 26.14 0.52
N TYR A 224 9.97 26.74 -0.50
CA TYR A 224 9.14 27.96 -0.35
C TYR A 224 8.01 27.76 0.67
N PHE A 225 7.33 26.62 0.58
CA PHE A 225 6.20 26.32 1.46
C PHE A 225 6.68 25.99 2.88
N GLU A 226 7.85 25.38 2.98
CA GLU A 226 8.46 25.09 4.27
C GLU A 226 8.77 26.41 4.99
N GLU A 227 9.40 27.33 4.27
CA GLU A 227 9.62 28.71 4.75
C GLU A 227 8.33 29.39 5.24
N ALA A 228 7.24 29.25 4.47
CA ALA A 228 5.97 29.88 4.83
C ALA A 228 5.43 29.34 6.15
N MSE A 229 5.42 28.02 6.26
CA MSE A 229 4.94 27.33 7.46
C MSE A 229 5.81 27.62 8.67
O MSE A 229 5.30 27.78 9.77
CB MSE A 229 4.85 25.82 7.21
CG MSE A 229 5.63 24.95 8.21
SE MSE A 229 5.48 23.18 7.89
CE MSE A 229 4.91 23.21 6.21
N ASN A 230 7.13 27.68 8.46
CA ASN A 230 8.06 28.04 9.53
C ASN A 230 7.86 29.47 10.00
N TYR A 231 7.60 30.39 9.07
CA TYR A 231 7.24 31.75 9.46
C TYR A 231 5.99 31.77 10.34
N LEU A 232 4.92 31.09 9.90
CA LEU A 232 3.66 31.09 10.64
C LEU A 232 3.89 30.52 12.04
N LEU A 233 4.62 29.40 12.10
CA LEU A 233 4.88 28.68 13.33
C LEU A 233 5.73 29.49 14.30
N SER A 234 6.59 30.35 13.76
CA SER A 234 7.47 31.21 14.55
C SER A 234 6.80 32.49 15.06
N HIS A 235 5.57 32.73 14.63
CA HIS A 235 4.85 33.95 15.01
C HIS A 235 4.51 33.95 16.51
N PRO A 236 4.72 35.08 17.20
CA PRO A 236 4.49 35.19 18.64
C PRO A 236 3.05 34.92 19.09
N GLU A 237 2.10 34.92 18.15
CA GLU A 237 0.70 34.69 18.49
C GLU A 237 0.14 33.39 17.89
N VAL A 238 1.02 32.60 17.29
CA VAL A 238 0.63 31.28 16.79
C VAL A 238 1.05 30.19 17.78
N LYS A 239 0.12 29.30 18.10
CA LYS A 239 0.24 28.35 19.22
C LYS A 239 1.22 27.17 19.00
N GLY A 240 1.08 26.43 17.91
CA GLY A 240 1.92 25.23 17.71
C GLY A 240 1.44 24.03 18.50
N PRO A 241 2.20 22.92 18.51
CA PRO A 241 3.56 22.84 17.95
C PRO A 241 3.64 22.69 16.42
N GLY A 242 2.52 22.34 15.79
CA GLY A 242 2.46 22.27 14.33
C GLY A 242 1.40 23.20 13.77
N VAL A 243 1.23 23.19 12.44
CA VAL A 243 0.17 24.00 11.82
C VAL A 243 -0.87 23.12 11.15
N GLY A 244 -2.01 23.73 10.87
CA GLY A 244 -2.99 23.13 10.00
C GLY A 244 -2.77 23.67 8.60
N LEU A 245 -3.21 22.88 7.62
CA LEU A 245 -3.19 23.28 6.23
C LEU A 245 -4.61 23.19 5.69
N LEU A 246 -5.04 24.23 4.98
CA LEU A 246 -6.36 24.20 4.34
C LEU A 246 -6.19 24.53 2.87
N GLY A 247 -6.51 23.58 2.00
CA GLY A 247 -6.33 23.81 0.56
C GLY A 247 -7.46 23.30 -0.30
N ILE A 248 -7.72 24.02 -1.38
CA ILE A 248 -8.67 23.57 -2.38
C ILE A 248 -7.98 23.52 -3.73
N SER A 249 -8.39 22.54 -4.55
CA SER A 249 -7.81 22.29 -5.89
C SER A 249 -6.30 22.06 -5.77
N LYS A 250 -5.51 22.75 -6.59
CA LYS A 250 -4.05 22.64 -6.51
C LYS A 250 -3.56 22.91 -5.08
N GLY A 251 -4.31 23.74 -4.35
CA GLY A 251 -4.00 24.03 -2.94
C GLY A 251 -4.13 22.82 -2.03
N GLY A 252 -5.09 21.95 -2.30
CA GLY A 252 -5.24 20.69 -1.55
C GLY A 252 -4.17 19.70 -1.95
N GLU A 253 -3.91 19.63 -3.24
CA GLU A 253 -2.77 18.90 -3.77
C GLU A 253 -1.49 19.28 -2.98
N LEU A 254 -1.20 20.58 -2.88
CA LEU A 254 -0.07 21.11 -2.09
C LEU A 254 -0.13 20.77 -0.60
N CYS A 255 -1.32 20.72 0.00
CA CYS A 255 -1.45 20.21 1.39
C CYS A 255 -0.85 18.80 1.50
N LEU A 256 -1.18 17.93 0.54
CA LEU A 256 -0.69 16.55 0.55
C LEU A 256 0.82 16.49 0.33
N SER A 257 1.31 17.26 -0.64
CA SER A 257 2.76 17.40 -0.89
C SER A 257 3.52 17.91 0.31
N MSE A 258 3.04 19.02 0.90
CA MSE A 258 3.62 19.56 2.14
C MSE A 258 3.63 18.54 3.26
O MSE A 258 4.66 18.35 3.90
CB MSE A 258 2.88 20.84 2.60
CG MSE A 258 3.18 22.10 1.77
SE MSE A 258 2.18 23.54 2.19
CE MSE A 258 2.66 23.78 3.88
N ALA A 259 2.51 17.86 3.50
CA ALA A 259 2.40 16.86 4.57
C ALA A 259 3.28 15.63 4.36
N SER A 260 3.50 15.24 3.10
CA SER A 260 4.33 14.09 2.76
C SER A 260 5.82 14.36 2.95
N PHE A 261 6.27 15.56 2.56
CA PHE A 261 7.70 15.87 2.55
C PHE A 261 8.19 16.65 3.76
N LEU A 262 7.32 17.46 4.38
CA LEU A 262 7.74 18.37 5.44
C LEU A 262 7.31 17.95 6.84
N LYS A 263 8.03 18.44 7.84
CA LYS A 263 7.69 18.26 9.25
C LYS A 263 6.89 19.45 9.74
N GLY A 264 6.16 19.28 10.84
CA GLY A 264 5.43 20.37 11.48
C GLY A 264 3.99 20.53 11.04
N ILE A 265 3.47 19.59 10.23
CA ILE A 265 2.07 19.64 9.80
C ILE A 265 1.21 18.70 10.65
N THR A 266 0.37 19.29 11.50
CA THR A 266 -0.46 18.51 12.42
C THR A 266 -1.69 17.91 11.73
N ALA A 267 -2.37 18.72 10.95
CA ALA A 267 -3.63 18.30 10.31
C ALA A 267 -3.81 19.08 9.03
N ALA A 268 -4.51 18.47 8.07
CA ALA A 268 -4.75 19.11 6.77
C ALA A 268 -6.17 18.84 6.32
N VAL A 269 -6.86 19.90 5.91
CA VAL A 269 -8.17 19.75 5.27
C VAL A 269 -7.99 19.93 3.76
N VAL A 270 -8.33 18.91 3.00
CA VAL A 270 -8.08 18.88 1.57
C VAL A 270 -9.42 18.88 0.84
N ILE A 271 -9.66 19.97 0.12
CA ILE A 271 -10.95 20.16 -0.54
C ILE A 271 -10.75 19.91 -2.02
N ASN A 272 -11.37 18.86 -2.54
CA ASN A 272 -11.20 18.55 -3.96
C ASN A 272 -9.73 18.66 -4.41
N GLY A 273 -8.82 18.09 -3.63
CA GLY A 273 -7.42 18.05 -4.03
C GLY A 273 -7.12 16.83 -4.88
N SER A 274 -5.89 16.78 -5.37
CA SER A 274 -5.41 15.65 -6.15
C SER A 274 -4.27 14.95 -5.42
N VAL A 275 -4.14 13.62 -5.52
CA VAL A 275 -2.90 12.94 -5.05
C VAL A 275 -1.85 12.84 -6.12
N ALA A 276 -2.20 13.24 -7.33
CA ALA A 276 -1.22 13.37 -8.40
C ALA A 276 -0.76 14.81 -8.44
N ASN A 277 0.54 14.96 -8.66
CA ASN A 277 1.15 16.25 -8.93
C ASN A 277 0.79 16.67 -10.35
N VAL A 278 0.12 17.81 -10.48
CA VAL A 278 -0.38 18.25 -11.81
C VAL A 278 -0.02 19.68 -12.20
N GLY A 279 0.38 19.83 -13.47
CA GLY A 279 0.53 21.15 -14.09
C GLY A 279 1.92 21.73 -14.05
N GLY A 280 2.85 21.00 -13.44
CA GLY A 280 4.22 21.45 -13.30
C GLY A 280 5.04 20.45 -12.51
N THR A 281 6.33 20.76 -12.37
CA THR A 281 7.25 19.89 -11.64
C THR A 281 7.37 20.38 -10.21
N LEU A 282 7.34 19.46 -9.26
CA LEU A 282 7.55 19.78 -7.86
C LEU A 282 8.93 19.31 -7.49
N ARG A 283 9.69 20.13 -6.78
CA ARG A 283 11.00 19.73 -6.27
C ARG A 283 11.11 20.01 -4.79
N TYR A 284 11.72 19.07 -4.08
CA TYR A 284 12.16 19.26 -2.72
C TYR A 284 13.52 18.58 -2.58
N LYS A 285 14.55 19.39 -2.34
CA LYS A 285 15.93 18.93 -2.24
C LYS A 285 16.25 17.98 -3.40
N GLY A 286 16.63 16.74 -3.08
CA GLY A 286 17.03 15.80 -4.13
C GLY A 286 15.86 15.14 -4.85
N GLU A 287 14.64 15.49 -4.45
CA GLU A 287 13.45 14.81 -4.96
C GLU A 287 12.65 15.61 -5.95
N THR A 288 12.03 14.90 -6.87
CA THR A 288 11.23 15.54 -7.90
C THR A 288 9.93 14.76 -8.18
N LEU A 289 8.87 15.48 -8.49
CA LEU A 289 7.65 14.88 -8.99
C LEU A 289 7.32 15.52 -10.32
N PRO A 290 7.34 14.74 -11.40
CA PRO A 290 6.97 15.24 -12.71
C PRO A 290 5.46 15.49 -12.74
N PRO A 291 4.98 16.35 -13.63
CA PRO A 291 3.54 16.51 -13.81
C PRO A 291 2.92 15.23 -14.37
N VAL A 292 1.74 14.87 -13.90
CA VAL A 292 0.99 13.74 -14.47
C VAL A 292 0.61 14.06 -15.92
N GLY A 293 0.63 13.03 -16.76
CA GLY A 293 0.32 13.20 -18.17
C GLY A 293 -1.13 13.55 -18.43
N VAL A 294 -1.38 14.15 -19.60
CA VAL A 294 -2.71 14.57 -20.01
C VAL A 294 -3.13 13.83 -21.29
N ASN A 295 -4.43 13.71 -21.52
CA ASN A 295 -4.94 13.22 -22.80
C ASN A 295 -6.19 14.01 -23.25
N ARG A 296 -5.94 15.07 -24.03
CA ARG A 296 -6.98 15.97 -24.49
C ARG A 296 -8.03 15.33 -25.42
N ASN A 297 -7.77 14.09 -25.86
CA ASN A 297 -8.76 13.30 -26.59
C ASN A 297 -9.90 12.81 -25.69
N ARG A 298 -9.62 12.73 -24.39
CA ARG A 298 -10.60 12.30 -23.39
C ARG A 298 -11.59 13.41 -23.01
N ILE A 299 -11.44 14.59 -23.62
CA ILE A 299 -12.40 15.69 -23.46
C ILE A 299 -13.78 15.30 -24.00
N LYS A 300 -14.82 15.65 -23.25
CA LYS A 300 -16.19 15.43 -23.69
C LYS A 300 -16.88 16.77 -23.92
N VAL A 301 -17.55 16.89 -25.06
CA VAL A 301 -18.34 18.09 -25.37
C VAL A 301 -19.82 17.75 -25.18
N THR A 302 -20.39 18.25 -24.10
CA THR A 302 -21.73 17.88 -23.65
C THR A 302 -22.19 18.80 -22.51
N LYS A 303 -23.49 19.09 -22.40
CA LYS A 303 -24.51 18.83 -23.43
C LYS A 303 -24.92 20.18 -24.05
N ASP A 304 -24.08 21.17 -23.81
CA ASP A 304 -24.11 22.45 -24.52
C ASP A 304 -22.76 22.55 -25.22
N GLY A 305 -22.29 23.79 -25.43
CA GLY A 305 -20.97 24.00 -26.04
C GLY A 305 -19.82 24.02 -25.05
N TYR A 306 -19.99 23.31 -23.93
CA TYR A 306 -18.99 23.33 -22.86
C TYR A 306 -18.14 22.08 -22.80
N ALA A 307 -16.85 22.29 -22.51
CA ALA A 307 -15.91 21.19 -22.31
C ALA A 307 -16.13 20.49 -20.97
N ASP A 308 -15.91 19.18 -20.96
CA ASP A 308 -15.89 18.41 -19.72
C ASP A 308 -14.55 17.70 -19.65
N ILE A 309 -13.68 18.22 -18.79
CA ILE A 309 -12.27 17.82 -18.75
C ILE A 309 -11.94 16.87 -17.60
N VAL A 310 -12.97 16.30 -16.98
CA VAL A 310 -12.80 15.46 -15.80
C VAL A 310 -11.92 14.22 -16.05
N ASP A 311 -11.93 13.73 -17.30
CA ASP A 311 -11.15 12.55 -17.68
C ASP A 311 -9.78 12.83 -18.37
N VAL A 312 -9.40 14.10 -18.54
CA VAL A 312 -8.15 14.41 -19.29
C VAL A 312 -6.84 13.95 -18.61
N LEU A 313 -6.77 14.04 -17.29
CA LEU A 313 -5.55 13.64 -16.58
C LEU A 313 -5.38 12.12 -16.52
N ASN A 314 -4.16 11.67 -16.82
CA ASN A 314 -3.84 10.25 -16.73
C ASN A 314 -3.88 9.80 -15.26
N SER A 315 -4.17 8.51 -15.04
CA SER A 315 -4.12 7.93 -13.71
C SER A 315 -2.69 7.87 -13.20
N PRO A 316 -2.47 8.29 -11.95
CA PRO A 316 -1.15 8.19 -11.32
C PRO A 316 -0.89 6.77 -10.80
N LEU A 317 -1.67 5.81 -11.29
CA LEU A 317 -1.60 4.44 -10.78
C LEU A 317 -0.92 3.45 -11.75
N GLU A 318 -0.72 3.88 -13.00
CA GLU A 318 -0.07 3.03 -14.00
C GLU A 318 0.96 3.77 -14.85
N GLY A 319 1.98 3.03 -15.28
CA GLY A 319 3.00 3.56 -16.20
C GLY A 319 3.94 4.56 -15.57
N PRO A 320 4.48 5.47 -16.39
CA PRO A 320 5.42 6.47 -15.92
C PRO A 320 4.73 7.52 -15.06
N ASP A 321 3.39 7.53 -15.08
CA ASP A 321 2.60 8.46 -14.28
C ASP A 321 2.55 8.12 -12.80
N GLN A 322 3.02 6.92 -12.44
CA GLN A 322 3.16 6.55 -11.02
C GLN A 322 4.19 7.45 -10.32
N LYS A 323 5.09 8.02 -11.12
CA LYS A 323 6.12 8.93 -10.63
C LYS A 323 5.50 10.22 -10.08
N SER A 324 4.34 10.58 -10.59
CA SER A 324 3.66 11.81 -10.17
C SER A 324 2.75 11.60 -8.95
N PHE A 325 2.69 10.37 -8.42
CA PHE A 325 1.88 10.07 -7.23
C PHE A 325 2.57 10.62 -5.99
N ILE A 326 1.85 11.45 -5.23
CA ILE A 326 2.40 12.08 -4.02
C ILE A 326 2.53 11.02 -2.91
N PRO A 327 3.74 10.82 -2.38
CA PRO A 327 3.98 9.76 -1.42
C PRO A 327 3.39 10.07 -0.05
N VAL A 328 2.06 10.10 0.03
CA VAL A 328 1.33 10.44 1.26
C VAL A 328 1.63 9.52 2.45
N GLU A 329 2.07 8.29 2.18
CA GLU A 329 2.47 7.36 3.24
C GLU A 329 3.56 7.94 4.16
N ARG A 330 4.33 8.90 3.65
CA ARG A 330 5.39 9.57 4.42
C ARG A 330 4.86 10.67 5.35
N ALA A 331 3.56 10.98 5.26
CA ALA A 331 2.94 11.99 6.11
C ALA A 331 2.57 11.49 7.51
N GLU A 332 2.86 12.31 8.51
CA GLU A 332 2.52 12.07 9.91
C GLU A 332 1.15 12.71 10.22
N SER A 333 0.74 13.63 9.36
CA SER A 333 -0.44 14.46 9.53
C SER A 333 -1.77 13.67 9.54
N THR A 334 -2.75 14.20 10.25
CA THR A 334 -4.14 13.74 10.14
C THR A 334 -4.77 14.45 8.95
N PHE A 335 -5.65 13.75 8.22
CA PHE A 335 -6.28 14.32 7.03
C PHE A 335 -7.80 14.26 7.10
N LEU A 336 -8.44 15.31 6.59
CA LEU A 336 -9.87 15.34 6.26
C LEU A 336 -10.04 15.73 4.79
N PHE A 337 -10.69 14.87 4.02
CA PHE A 337 -10.92 15.13 2.60
C PHE A 337 -12.36 15.53 2.45
N LEU A 338 -12.58 16.71 1.86
CA LEU A 338 -13.92 17.16 1.55
C LEU A 338 -14.02 17.14 0.04
N VAL A 339 -14.91 16.31 -0.50
CA VAL A 339 -14.97 16.15 -1.93
C VAL A 339 -16.37 16.40 -2.45
N GLY A 340 -16.46 17.04 -3.62
CA GLY A 340 -17.70 17.14 -4.33
C GLY A 340 -17.82 15.95 -5.27
N GLN A 341 -18.92 15.19 -5.14
CA GLN A 341 -19.09 13.97 -5.94
C GLN A 341 -19.25 14.30 -7.42
N ASP A 342 -19.69 15.53 -7.69
CA ASP A 342 -19.95 15.99 -9.05
C ASP A 342 -18.83 16.87 -9.60
N ASP A 343 -17.64 16.80 -8.99
CA ASP A 343 -16.50 17.59 -9.45
C ASP A 343 -16.15 17.25 -10.89
N HIS A 344 -16.25 18.23 -11.78
CA HIS A 344 -15.88 17.99 -13.18
C HIS A 344 -14.53 18.58 -13.58
N ASN A 345 -13.83 19.20 -12.62
CA ASN A 345 -12.45 19.64 -12.86
C ASN A 345 -11.52 18.44 -12.96
N TRP A 346 -11.67 17.52 -12.01
CA TRP A 346 -10.87 16.32 -11.97
C TRP A 346 -11.51 15.34 -10.99
N LYS A 347 -10.95 14.14 -10.91
CA LYS A 347 -11.59 13.06 -10.17
C LYS A 347 -11.28 13.09 -8.68
N SER A 348 -11.90 14.04 -7.98
CA SER A 348 -11.60 14.28 -6.58
C SER A 348 -11.85 13.08 -5.67
N GLU A 349 -12.97 12.40 -5.87
CA GLU A 349 -13.27 11.25 -5.03
C GLU A 349 -12.24 10.13 -5.25
N PHE A 350 -11.90 9.90 -6.50
CA PHE A 350 -10.85 8.93 -6.87
C PHE A 350 -9.52 9.28 -6.20
N TYR A 351 -9.11 10.55 -6.27
CA TYR A 351 -7.88 11.00 -5.58
C TYR A 351 -7.92 10.78 -4.08
N ALA A 352 -9.03 11.11 -3.44
CA ALA A 352 -9.20 10.91 -2.00
C ALA A 352 -9.12 9.42 -1.62
N ASN A 353 -9.80 8.58 -2.37
CA ASN A 353 -9.80 7.15 -2.13
C ASN A 353 -8.39 6.58 -2.30
N GLU A 354 -7.69 7.00 -3.36
CA GLU A 354 -6.33 6.51 -3.61
C GLU A 354 -5.32 7.00 -2.57
N ALA A 355 -5.50 8.22 -2.05
CA ALA A 355 -4.68 8.66 -0.91
C ALA A 355 -4.96 7.79 0.30
N CYS A 356 -6.23 7.48 0.54
CA CYS A 356 -6.62 6.66 1.68
C CYS A 356 -6.03 5.24 1.58
N LYS A 357 -6.07 4.68 0.38
CA LYS A 357 -5.53 3.34 0.13
C LYS A 357 -4.00 3.31 0.30
N ARG A 358 -3.34 4.38 -0.14
CA ARG A 358 -1.89 4.47 0.03
C ARG A 358 -1.53 4.52 1.51
N LEU A 359 -2.18 5.40 2.24
CA LEU A 359 -2.01 5.54 3.68
C LEU A 359 -2.25 4.24 4.44
N GLN A 360 -3.36 3.57 4.17
CA GLN A 360 -3.65 2.29 4.85
C GLN A 360 -2.66 1.16 4.51
N ALA A 361 -2.16 1.15 3.28
CA ALA A 361 -1.16 0.17 2.84
C ALA A 361 0.15 0.28 3.63
N HIS A 362 0.34 1.42 4.30
CA HIS A 362 1.49 1.64 5.17
C HIS A 362 1.13 1.76 6.63
N GLY A 363 -0.06 1.33 7.01
CA GLY A 363 -0.46 1.29 8.42
C GLY A 363 -0.69 2.65 9.07
N ARG A 364 -0.93 3.67 8.26
CA ARG A 364 -1.22 5.02 8.79
C ARG A 364 -2.70 5.10 9.15
N ARG A 365 -3.07 6.06 10.00
CA ARG A 365 -4.49 6.26 10.33
C ARG A 365 -5.31 6.41 9.05
N LYS A 366 -6.52 5.87 9.08
CA LYS A 366 -7.45 6.00 7.96
C LYS A 366 -8.03 7.42 8.01
N PRO A 367 -7.94 8.15 6.90
CA PRO A 367 -8.43 9.52 6.86
C PRO A 367 -9.95 9.59 6.69
N GLN A 368 -10.59 10.59 7.29
CA GLN A 368 -12.00 10.83 7.06
C GLN A 368 -12.18 11.43 5.67
N ILE A 369 -13.15 10.91 4.93
CA ILE A 369 -13.55 11.45 3.66
C ILE A 369 -15.05 11.79 3.75
N ILE A 370 -15.40 13.03 3.39
CA ILE A 370 -16.80 13.40 3.27
C ILE A 370 -17.08 13.74 1.83
N CYS A 371 -18.01 12.99 1.24
CA CYS A 371 -18.36 13.14 -0.15
C CYS A 371 -19.73 13.74 -0.26
N TYR A 372 -19.81 14.91 -0.87
CA TYR A 372 -21.08 15.61 -1.00
C TYR A 372 -21.73 15.37 -2.37
N PRO A 373 -22.94 14.80 -2.37
CA PRO A 373 -23.71 14.60 -3.61
C PRO A 373 -23.95 15.91 -4.35
N GLU A 374 -23.99 15.85 -5.68
CA GLU A 374 -24.37 16.97 -6.54
C GLU A 374 -23.66 18.30 -6.19
N THR A 375 -22.40 18.17 -5.74
CA THR A 375 -21.54 19.31 -5.40
C THR A 375 -20.34 19.25 -6.34
N GLY A 376 -19.92 20.40 -6.85
CA GLY A 376 -18.90 20.48 -7.87
C GLY A 376 -17.53 20.81 -7.34
N HIS A 377 -16.68 21.31 -8.23
CA HIS A 377 -15.30 21.59 -7.87
C HIS A 377 -15.14 22.72 -6.85
N TYR A 378 -15.85 23.82 -7.05
CA TYR A 378 -15.61 24.99 -6.22
C TYR A 378 -16.45 25.01 -4.96
N ILE A 379 -15.99 24.29 -3.95
CA ILE A 379 -16.57 24.36 -2.60
C ILE A 379 -15.96 25.55 -1.87
N GLU A 380 -16.67 26.67 -1.95
CA GLU A 380 -16.25 27.93 -1.39
C GLU A 380 -16.80 28.05 0.02
N PRO A 381 -16.40 29.06 0.79
CA PRO A 381 -17.10 29.37 2.03
C PRO A 381 -18.62 29.57 1.76
N PRO A 382 -19.46 29.41 2.76
CA PRO A 382 -20.91 29.46 2.60
C PRO A 382 -21.48 30.69 1.87
N TYR A 383 -22.59 30.46 1.18
CA TYR A 383 -23.38 31.49 0.49
C TYR A 383 -22.70 32.14 -0.71
N PHE A 384 -21.46 31.77 -1.01
CA PHE A 384 -20.87 32.02 -2.33
C PHE A 384 -21.69 31.24 -3.36
N PRO A 385 -22.29 31.95 -4.33
CA PRO A 385 -23.14 31.30 -5.33
C PRO A 385 -22.35 30.32 -6.19
N LEU A 386 -23.02 29.26 -6.62
CA LEU A 386 -22.42 28.26 -7.47
C LEU A 386 -22.03 28.84 -8.82
N CYS A 387 -20.80 28.59 -9.25
CA CYS A 387 -20.40 28.84 -10.62
C CYS A 387 -20.42 27.51 -11.37
N ARG A 388 -21.35 27.35 -12.31
CA ARG A 388 -21.54 26.09 -13.03
C ARG A 388 -20.46 25.88 -14.09
N ALA A 389 -20.05 26.98 -14.72
CA ALA A 389 -19.12 26.95 -15.83
C ALA A 389 -18.41 28.30 -15.97
N SER A 390 -17.16 28.27 -16.43
CA SER A 390 -16.42 29.49 -16.72
C SER A 390 -15.32 29.22 -17.74
N PRO A 398 -15.13 27.18 -22.76
CA PRO A 398 -15.33 27.18 -21.31
C PRO A 398 -15.69 25.78 -20.79
N ILE A 399 -15.35 25.51 -19.53
CA ILE A 399 -15.58 24.19 -18.94
C ILE A 399 -16.62 24.18 -17.81
N ILE A 400 -17.26 23.04 -17.59
CA ILE A 400 -18.16 22.88 -16.43
C ILE A 400 -17.41 22.41 -15.18
N TRP A 401 -17.89 22.84 -14.02
CA TRP A 401 -17.22 22.54 -12.75
C TRP A 401 -18.04 21.58 -11.90
N GLY A 402 -19.31 21.40 -12.26
CA GLY A 402 -20.22 20.50 -11.56
C GLY A 402 -20.98 21.18 -10.44
N GLY A 403 -21.97 20.48 -9.89
CA GLY A 403 -22.75 21.01 -8.78
C GLY A 403 -24.15 21.42 -9.17
N GLU A 404 -25.10 21.18 -8.27
CA GLU A 404 -26.47 21.69 -8.42
C GLU A 404 -26.68 22.74 -7.34
N PRO A 405 -27.35 23.85 -7.67
CA PRO A 405 -27.37 25.02 -6.78
C PRO A 405 -27.63 24.72 -5.32
N ARG A 406 -28.70 23.99 -5.03
CA ARG A 406 -29.10 23.81 -3.64
C ARG A 406 -28.20 22.81 -2.92
N ALA A 407 -27.90 21.71 -3.60
CA ALA A 407 -27.03 20.67 -3.04
C ALA A 407 -25.64 21.23 -2.76
N HIS A 408 -25.09 21.95 -3.72
CA HIS A 408 -23.77 22.56 -3.59
C HIS A 408 -23.75 23.59 -2.46
N ALA A 409 -24.79 24.42 -2.40
CA ALA A 409 -24.91 25.45 -1.35
C ALA A 409 -24.89 24.84 0.03
N MSE A 410 -25.61 23.74 0.22
CA MSE A 410 -25.67 23.09 1.52
C MSE A 410 -24.39 22.33 1.89
O MSE A 410 -24.04 22.22 3.07
CB MSE A 410 -26.94 22.21 1.65
CG MSE A 410 -28.28 23.02 1.51
SE MSE A 410 -28.65 24.30 2.78
CE MSE A 410 -28.18 25.85 1.99
N ALA A 411 -23.69 21.81 0.86
CA ALA A 411 -22.34 21.26 1.02
C ALA A 411 -21.34 22.31 1.49
N GLN A 412 -21.44 23.52 0.93
CA GLN A 412 -20.58 24.63 1.36
C GLN A 412 -20.82 24.99 2.82
N VAL A 413 -22.08 25.08 3.21
CA VAL A 413 -22.44 25.34 4.60
C VAL A 413 -21.92 24.24 5.54
N ASP A 414 -22.04 22.99 5.13
CA ASP A 414 -21.60 21.88 5.96
C ASP A 414 -20.08 21.73 6.02
N ALA A 415 -19.41 21.85 4.88
CA ALA A 415 -17.93 21.76 4.81
C ALA A 415 -17.28 22.78 5.76
N TRP A 416 -17.87 23.97 5.85
CA TRP A 416 -17.36 25.08 6.66
C TRP A 416 -17.42 24.69 8.13
N LYS A 417 -18.53 24.08 8.55
CA LYS A 417 -18.63 23.54 9.91
C LYS A 417 -17.67 22.36 10.13
N GLN A 418 -17.54 21.48 9.14
CA GLN A 418 -16.67 20.29 9.24
C GLN A 418 -15.19 20.67 9.44
N LEU A 419 -14.68 21.59 8.63
CA LEU A 419 -13.29 22.00 8.77
C LEU A 419 -13.01 22.71 10.11
N GLN A 420 -13.96 23.51 10.59
CA GLN A 420 -13.84 24.17 11.89
C GLN A 420 -13.71 23.16 13.02
N THR A 421 -14.68 22.25 13.11
CA THR A 421 -14.68 21.16 14.07
C THR A 421 -13.32 20.41 14.04
N PHE A 422 -12.92 19.98 12.85
CA PHE A 422 -11.65 19.25 12.61
C PHE A 422 -10.39 20.03 13.07
N PHE A 423 -10.26 21.28 12.64
CA PHE A 423 -9.13 22.10 13.06
C PHE A 423 -9.16 22.37 14.57
N HIS A 424 -10.32 22.67 15.15
CA HIS A 424 -10.36 22.83 16.60
C HIS A 424 -9.90 21.57 17.34
N LYS A 425 -10.36 20.40 16.89
CA LYS A 425 -9.98 19.13 17.53
C LYS A 425 -8.47 18.87 17.46
N HIS A 426 -7.87 19.04 16.28
CA HIS A 426 -6.46 18.69 16.11
C HIS A 426 -5.46 19.81 16.44
N LEU A 427 -5.89 21.05 16.27
CA LEU A 427 -5.04 22.19 16.56
C LEU A 427 -5.37 22.74 17.94
N ILE B 12 18.26 -86.39 -13.33
CA ILE B 12 18.81 -85.37 -12.38
C ILE B 12 17.84 -84.25 -12.02
N ARG B 13 17.79 -83.92 -10.73
CA ARG B 13 17.14 -82.71 -10.26
C ARG B 13 18.05 -81.51 -10.60
N VAL B 14 17.57 -80.63 -11.47
CA VAL B 14 18.31 -79.40 -11.84
C VAL B 14 18.49 -78.53 -10.59
N PRO B 15 19.53 -77.72 -10.50
CA PRO B 15 19.70 -76.85 -9.32
C PRO B 15 18.51 -75.91 -9.10
N ALA B 16 18.36 -75.46 -7.85
CA ALA B 16 17.37 -74.44 -7.50
C ALA B 16 17.66 -73.14 -8.27
N ARG B 17 16.64 -72.31 -8.42
CA ARG B 17 16.78 -71.00 -9.08
C ARG B 17 17.83 -70.15 -8.39
N MSE B 18 18.55 -69.33 -9.15
CA MSE B 18 19.46 -68.33 -8.56
C MSE B 18 18.66 -67.42 -7.63
O MSE B 18 17.42 -67.36 -7.74
CB MSE B 18 20.14 -67.49 -9.65
CG MSE B 18 21.13 -68.25 -10.55
SE MSE B 18 21.73 -67.11 -11.83
CE MSE B 18 23.09 -68.03 -12.43
N ALA B 19 19.35 -66.76 -6.71
CA ALA B 19 18.75 -65.85 -5.73
C ALA B 19 18.09 -64.65 -6.42
N ALA B 20 17.21 -63.95 -5.70
CA ALA B 20 16.56 -62.77 -6.23
C ALA B 20 17.61 -61.73 -6.59
N THR B 21 17.30 -60.95 -7.62
CA THR B 21 18.18 -59.89 -8.06
C THR B 21 17.47 -58.52 -8.07
N LEU B 22 18.20 -57.48 -7.66
CA LEU B 22 17.70 -56.11 -7.67
C LEU B 22 18.23 -55.40 -8.90
N ILE B 23 17.39 -54.54 -9.47
CA ILE B 23 17.75 -53.76 -10.64
C ILE B 23 17.26 -52.32 -10.42
N LEU B 24 18.16 -51.37 -10.65
CA LEU B 24 17.84 -49.93 -10.50
C LEU B 24 18.06 -49.22 -11.81
N GLU B 25 17.14 -48.32 -12.13
CA GLU B 25 17.19 -47.50 -13.34
C GLU B 25 16.97 -46.01 -12.93
N PRO B 26 17.83 -45.08 -13.34
CA PRO B 26 19.08 -45.39 -14.08
C PRO B 26 20.14 -45.99 -13.17
N ALA B 27 20.98 -46.86 -13.74
CA ALA B 27 21.84 -47.77 -12.96
C ALA B 27 23.12 -47.14 -12.37
N GLY B 28 23.62 -46.09 -13.03
CA GLY B 28 24.82 -45.40 -12.56
C GLY B 28 24.53 -44.24 -11.62
N ARG B 29 25.39 -43.22 -11.69
CA ARG B 29 25.45 -42.12 -10.73
C ARG B 29 24.13 -41.35 -10.60
N CYS B 30 23.46 -41.50 -9.46
CA CYS B 30 22.18 -40.85 -9.22
C CYS B 30 22.32 -39.71 -8.23
N CYS B 31 21.70 -38.57 -8.54
CA CYS B 31 21.68 -37.45 -7.61
C CYS B 31 20.53 -37.56 -6.61
N TRP B 32 20.73 -36.95 -5.45
CA TRP B 32 19.74 -36.92 -4.38
C TRP B 32 18.32 -36.50 -4.81
N ASP B 33 18.23 -35.54 -5.72
CA ASP B 33 16.93 -34.98 -6.15
C ASP B 33 16.32 -35.73 -7.33
N GLU B 34 16.91 -36.86 -7.69
CA GLU B 34 16.57 -37.57 -8.92
C GLU B 34 15.84 -38.90 -8.64
N PRO B 35 14.71 -39.15 -9.31
CA PRO B 35 13.98 -40.39 -9.11
C PRO B 35 14.72 -41.62 -9.65
N VAL B 36 14.54 -42.72 -8.94
CA VAL B 36 15.10 -44.02 -9.31
C VAL B 36 13.95 -45.03 -9.36
N ARG B 37 14.02 -45.95 -10.32
CA ARG B 37 13.06 -47.02 -10.45
C ARG B 37 13.71 -48.30 -9.95
N ILE B 38 13.14 -48.88 -8.90
CA ILE B 38 13.66 -50.12 -8.30
C ILE B 38 12.80 -51.28 -8.78
N ALA B 39 13.43 -52.37 -9.21
CA ALA B 39 12.72 -53.61 -9.45
C ALA B 39 13.47 -54.82 -8.91
N VAL B 40 12.72 -55.81 -8.43
CA VAL B 40 13.27 -57.05 -7.95
C VAL B 40 12.78 -58.13 -8.90
N ARG B 41 13.69 -59.01 -9.29
CA ARG B 41 13.35 -60.21 -10.08
C ARG B 41 13.83 -61.47 -9.42
N GLY B 42 13.24 -62.61 -9.80
CA GLY B 42 13.61 -63.90 -9.26
C GLY B 42 12.93 -64.21 -7.94
N LEU B 43 11.82 -63.52 -7.64
CA LEU B 43 10.99 -63.91 -6.50
C LEU B 43 10.02 -65.00 -6.93
N ALA B 44 9.30 -65.60 -5.98
CA ALA B 44 8.24 -66.54 -6.34
C ALA B 44 7.02 -65.78 -6.86
N PRO B 45 6.16 -66.41 -7.66
CA PRO B 45 4.93 -65.76 -8.12
C PRO B 45 4.10 -65.31 -6.92
N GLU B 46 3.70 -64.05 -6.91
CA GLU B 46 2.84 -63.50 -5.84
C GLU B 46 3.45 -63.54 -4.44
N GLN B 47 4.78 -63.67 -4.36
CA GLN B 47 5.47 -63.68 -3.07
C GLN B 47 5.26 -62.38 -2.28
N PRO B 48 4.79 -62.50 -1.04
CA PRO B 48 4.71 -61.33 -0.15
C PRO B 48 6.11 -60.98 0.38
N VAL B 49 6.49 -59.71 0.28
CA VAL B 49 7.81 -59.24 0.70
C VAL B 49 7.73 -57.89 1.39
N THR B 50 8.81 -57.54 2.08
CA THR B 50 8.97 -56.24 2.69
C THR B 50 10.27 -55.65 2.16
N LEU B 51 10.23 -54.41 1.68
CA LEU B 51 11.46 -53.70 1.33
C LEU B 51 11.74 -52.74 2.43
N ARG B 52 13.01 -52.63 2.79
CA ARG B 52 13.44 -51.71 3.82
C ARG B 52 14.64 -50.92 3.32
N ALA B 53 14.54 -49.60 3.46
CA ALA B 53 15.64 -48.68 3.13
C ALA B 53 16.23 -48.12 4.42
N SER B 54 17.56 -48.04 4.51
CA SER B 54 18.24 -47.53 5.70
C SER B 54 19.38 -46.63 5.26
N LEU B 55 19.65 -45.64 6.08
CA LEU B 55 20.65 -44.67 5.76
C LEU B 55 21.22 -44.19 7.09
N ARG B 56 22.52 -43.91 7.13
CA ARG B 56 23.08 -43.14 8.26
C ARG B 56 23.59 -41.82 7.75
N ASP B 57 23.30 -40.74 8.46
CA ASP B 57 23.74 -39.46 8.01
C ASP B 57 25.20 -39.19 8.45
N GLU B 58 25.64 -37.95 8.34
CA GLU B 58 27.04 -37.63 8.62
C GLU B 58 27.40 -37.69 10.11
N LYS B 59 26.40 -37.77 10.98
CA LYS B 59 26.64 -37.91 12.42
C LYS B 59 26.34 -39.33 12.92
N GLY B 60 26.06 -40.23 11.98
CA GLY B 60 25.79 -41.61 12.30
C GLY B 60 24.35 -41.93 12.64
N ALA B 61 23.46 -40.94 12.58
CA ALA B 61 22.05 -41.15 12.91
C ALA B 61 21.36 -41.99 11.84
N LEU B 62 20.64 -43.02 12.27
CA LEU B 62 19.93 -43.94 11.39
C LEU B 62 18.58 -43.37 10.97
N PHE B 63 18.29 -43.48 9.67
CA PHE B 63 16.97 -43.18 9.09
C PHE B 63 16.50 -44.43 8.37
N GLN B 64 15.23 -44.79 8.55
CA GLN B 64 14.67 -45.98 7.89
C GLN B 64 13.25 -45.78 7.35
N ALA B 65 12.92 -46.53 6.31
CA ALA B 65 11.54 -46.68 5.84
C ALA B 65 11.38 -48.13 5.42
N HIS B 66 10.17 -48.64 5.49
CA HIS B 66 9.84 -49.98 4.97
C HIS B 66 8.45 -49.95 4.35
N ALA B 67 8.19 -50.90 3.46
CA ALA B 67 6.82 -51.07 2.95
C ALA B 67 6.62 -52.51 2.54
N ARG B 68 5.37 -52.97 2.60
CA ARG B 68 5.01 -54.34 2.22
C ARG B 68 4.49 -54.39 0.79
N TYR B 69 4.87 -55.44 0.07
CA TYR B 69 4.52 -55.59 -1.34
C TYR B 69 4.25 -57.05 -1.64
N ARG B 70 3.84 -57.29 -2.87
CA ARG B 70 3.66 -58.63 -3.39
C ARG B 70 4.22 -58.61 -4.82
N ALA B 71 5.06 -59.61 -5.15
CA ALA B 71 5.53 -59.77 -6.53
C ALA B 71 4.36 -60.09 -7.45
N ASP B 72 4.48 -59.80 -8.74
CA ASP B 72 3.47 -60.20 -9.70
C ASP B 72 3.60 -61.72 -10.00
N THR B 73 2.84 -62.19 -10.97
CA THR B 73 2.78 -63.63 -11.28
C THR B 73 4.08 -64.14 -11.90
N LEU B 74 4.94 -63.22 -12.30
CA LEU B 74 6.26 -63.57 -12.85
C LEU B 74 7.34 -63.50 -11.79
N GLY B 75 6.94 -63.27 -10.54
CA GLY B 75 7.91 -63.15 -9.46
C GLY B 75 8.72 -61.86 -9.57
N GLU B 76 8.11 -60.85 -10.20
CA GLU B 76 8.75 -59.55 -10.32
C GLU B 76 8.06 -58.48 -9.45
N LEU B 77 8.88 -57.68 -8.77
CA LEU B 77 8.39 -56.53 -8.02
C LEU B 77 9.01 -55.22 -8.56
N ASP B 78 8.21 -54.42 -9.27
CA ASP B 78 8.72 -53.18 -9.87
C ASP B 78 7.97 -52.02 -9.23
N LEU B 79 8.69 -51.12 -8.58
CA LEU B 79 8.04 -50.10 -7.73
C LEU B 79 7.28 -48.99 -8.48
N GLU B 80 7.43 -48.96 -9.79
CA GLU B 80 6.62 -48.12 -10.66
C GLU B 80 5.44 -48.86 -11.28
N ARG B 81 5.26 -50.13 -10.90
CA ARG B 81 4.19 -50.96 -11.43
C ARG B 81 3.33 -51.56 -10.29
N ALA B 82 3.92 -51.73 -9.10
CA ALA B 82 3.25 -52.38 -7.97
C ALA B 82 3.09 -51.44 -6.81
N PRO B 83 1.90 -51.36 -6.21
CA PRO B 83 1.68 -50.47 -5.09
C PRO B 83 2.21 -51.03 -3.77
N ALA B 84 2.74 -50.15 -2.92
CA ALA B 84 2.99 -50.49 -1.53
C ALA B 84 1.65 -50.76 -0.85
N LEU B 85 1.62 -51.77 0.02
CA LEU B 85 0.41 -52.23 0.65
C LEU B 85 0.28 -51.69 2.05
N GLY B 86 1.33 -51.05 2.56
CA GLY B 86 1.30 -50.54 3.91
C GLY B 86 2.71 -50.50 4.48
N GLY B 87 2.83 -49.95 5.68
CA GLY B 87 4.12 -49.80 6.32
C GLY B 87 4.34 -48.32 6.51
N SER B 88 5.45 -47.80 6.02
CA SER B 88 5.71 -46.35 6.12
C SER B 88 4.79 -45.55 5.20
N PHE B 89 4.25 -46.21 4.16
CA PHE B 89 3.37 -45.56 3.17
C PHE B 89 2.62 -46.65 2.41
N ALA B 90 1.59 -46.23 1.68
CA ALA B 90 0.81 -47.12 0.85
C ALA B 90 0.54 -46.48 -0.51
N GLY B 91 0.23 -47.30 -1.51
CA GLY B 91 -0.07 -46.82 -2.85
C GLY B 91 1.09 -46.92 -3.81
N LEU B 92 0.85 -46.50 -5.05
CA LEU B 92 1.89 -46.56 -6.05
C LEU B 92 2.82 -45.36 -5.81
N GLU B 93 3.93 -45.62 -5.12
CA GLU B 93 4.83 -44.54 -4.71
C GLU B 93 6.24 -45.03 -4.88
N PRO B 94 6.76 -44.90 -6.09
CA PRO B 94 8.08 -45.45 -6.42
C PRO B 94 9.17 -44.89 -5.53
N MSE B 95 8.97 -43.69 -4.99
CA MSE B 95 10.00 -43.00 -4.22
C MSE B 95 9.73 -42.97 -2.73
O MSE B 95 10.45 -42.31 -1.97
CB MSE B 95 10.26 -41.60 -4.77
CG MSE B 95 11.14 -41.56 -6.06
SE MSE B 95 12.74 -42.39 -5.97
CE MSE B 95 13.72 -41.07 -5.28
N GLY B 96 8.71 -43.69 -2.28
CA GLY B 96 8.32 -43.66 -0.88
C GLY B 96 9.42 -44.13 0.07
N LEU B 97 10.22 -45.11 -0.34
CA LEU B 97 11.31 -45.60 0.49
C LEU B 97 12.34 -44.50 0.79
N LEU B 98 12.33 -43.44 0.01
CA LEU B 98 13.19 -42.29 0.29
C LEU B 98 12.49 -41.18 1.04
N TRP B 99 11.34 -40.72 0.56
CA TRP B 99 10.70 -39.57 1.19
C TRP B 99 10.03 -39.94 2.52
N ALA B 100 9.71 -41.22 2.73
CA ALA B 100 9.13 -41.63 4.02
C ALA B 100 10.14 -41.99 5.12
N LEU B 101 11.43 -41.80 4.85
CA LEU B 101 12.47 -42.12 5.84
C LEU B 101 12.18 -41.40 7.15
N GLU B 102 12.32 -42.11 8.26
CA GLU B 102 12.12 -41.50 9.58
C GLU B 102 13.30 -41.87 10.46
N PRO B 103 13.74 -40.96 11.32
CA PRO B 103 14.88 -41.21 12.19
C PRO B 103 14.57 -42.24 13.26
N GLU B 104 15.57 -43.05 13.60
CA GLU B 104 15.50 -43.99 14.72
C GLU B 104 15.25 -43.23 16.01
N LYS B 105 16.07 -42.20 16.26
CA LYS B 105 15.95 -41.35 17.44
C LYS B 105 14.98 -40.21 17.15
N PRO B 106 14.01 -39.99 18.05
CA PRO B 106 13.09 -38.87 17.97
C PRO B 106 13.77 -37.49 17.96
N LEU B 107 13.22 -36.57 17.17
CA LEU B 107 13.69 -35.17 17.06
C LEU B 107 14.97 -34.96 16.23
N VAL B 108 15.45 -36.01 15.56
CA VAL B 108 16.70 -35.93 14.77
C VAL B 108 16.41 -35.47 13.34
N ARG B 109 17.06 -34.39 12.93
CA ARG B 109 16.97 -33.91 11.55
C ARG B 109 18.15 -34.44 10.78
N LEU B 110 17.93 -34.78 9.51
CA LEU B 110 18.99 -35.34 8.67
C LEU B 110 20.14 -34.34 8.47
N VAL B 111 21.37 -34.76 8.78
CA VAL B 111 22.56 -33.90 8.63
C VAL B 111 23.40 -34.28 7.39
N LYS B 112 23.28 -33.48 6.33
CA LYS B 112 24.16 -33.56 5.14
C LYS B 112 24.87 -32.24 4.88
N ARG B 113 26.14 -32.16 5.27
CA ARG B 113 26.90 -30.92 5.18
C ARG B 113 27.98 -30.96 4.10
N ASP B 114 28.60 -32.12 3.91
CA ASP B 114 29.66 -32.26 2.91
C ASP B 114 29.11 -32.80 1.59
N VAL B 115 28.97 -31.94 0.59
CA VAL B 115 28.36 -32.33 -0.69
C VAL B 115 29.27 -33.16 -1.58
N ARG B 116 30.52 -33.31 -1.18
CA ARG B 116 31.49 -34.02 -2.02
C ARG B 116 31.32 -35.56 -1.99
N THR B 117 30.66 -36.07 -0.96
CA THR B 117 30.41 -37.51 -0.83
C THR B 117 28.92 -37.82 -0.91
N PRO B 118 28.54 -38.96 -1.49
CA PRO B 118 27.13 -39.37 -1.52
C PRO B 118 26.61 -39.78 -0.15
N LEU B 119 25.28 -39.86 -0.01
CA LEU B 119 24.64 -40.63 1.04
C LEU B 119 24.31 -41.99 0.45
N ALA B 120 24.68 -43.07 1.15
CA ALA B 120 24.40 -44.43 0.67
C ALA B 120 23.12 -44.99 1.29
N VAL B 121 22.19 -45.42 0.45
CA VAL B 121 20.94 -46.00 0.93
C VAL B 121 21.03 -47.52 0.81
N GLU B 122 20.94 -48.19 1.94
CA GLU B 122 20.97 -49.63 1.99
C GLU B 122 19.55 -50.15 1.80
N LEU B 123 19.36 -50.98 0.77
CA LEU B 123 18.04 -51.55 0.42
C LEU B 123 18.02 -53.05 0.68
N GLU B 124 17.01 -53.52 1.41
CA GLU B 124 16.84 -54.93 1.73
C GLU B 124 15.49 -55.41 1.21
N VAL B 125 15.47 -56.60 0.61
CA VAL B 125 14.22 -57.28 0.22
C VAL B 125 14.13 -58.45 1.18
N LEU B 126 13.10 -58.43 2.03
CA LEU B 126 12.92 -59.43 3.09
C LEU B 126 11.66 -60.24 2.80
N ASP B 127 11.69 -61.50 3.22
CA ASP B 127 10.59 -62.43 2.96
C ASP B 127 9.42 -62.18 3.90
N GLY B 128 8.21 -62.10 3.33
CA GLY B 128 7.00 -62.04 4.14
C GLY B 128 6.63 -60.65 4.66
N HIS B 129 5.50 -60.60 5.36
CA HIS B 129 4.91 -59.35 5.78
C HIS B 129 4.88 -59.21 7.30
N ASP B 130 5.59 -60.10 7.99
CA ASP B 130 5.65 -60.04 9.46
C ASP B 130 6.46 -58.83 9.95
N PRO B 131 6.21 -58.35 11.17
CA PRO B 131 6.91 -57.16 11.70
C PRO B 131 8.43 -57.23 11.74
N ASP B 132 8.98 -58.42 11.96
CA ASP B 132 10.42 -58.59 12.12
C ASP B 132 10.98 -59.62 11.12
N PRO B 133 10.91 -59.34 9.81
CA PRO B 133 11.23 -60.36 8.82
C PRO B 133 12.68 -60.82 8.97
N GLY B 134 12.88 -62.12 9.04
CA GLY B 134 14.20 -62.67 9.33
C GLY B 134 14.97 -63.15 8.12
N ARG B 135 14.29 -63.26 6.98
CA ARG B 135 14.91 -63.85 5.81
C ARG B 135 15.20 -62.78 4.77
N LEU B 136 16.48 -62.56 4.49
CA LEU B 136 16.93 -61.57 3.51
C LEU B 136 17.02 -62.23 2.15
N LEU B 137 16.26 -61.69 1.19
CA LEU B 137 16.24 -62.25 -0.14
C LEU B 137 17.29 -61.62 -1.04
N CYS B 138 17.48 -60.32 -0.90
CA CYS B 138 18.57 -59.63 -1.53
C CYS B 138 18.79 -58.26 -0.91
N GLN B 139 19.92 -57.67 -1.27
CA GLN B 139 20.32 -56.39 -0.73
C GLN B 139 21.27 -55.72 -1.70
N THR B 140 21.25 -54.39 -1.69
CA THR B 140 22.17 -53.54 -2.42
C THR B 140 22.33 -52.21 -1.67
N ARG B 141 23.41 -51.49 -1.98
CA ARG B 141 23.56 -50.15 -1.45
C ARG B 141 23.48 -49.20 -2.65
N HIS B 142 22.65 -48.18 -2.52
CA HIS B 142 22.36 -47.23 -3.61
C HIS B 142 22.89 -45.86 -3.17
N GLU B 143 23.92 -45.39 -3.88
CA GLU B 143 24.52 -44.11 -3.52
C GLU B 143 23.78 -42.95 -4.16
N ARG B 144 23.53 -41.92 -3.37
CA ARG B 144 22.84 -40.75 -3.87
C ARG B 144 23.73 -39.50 -3.72
N TYR B 145 24.05 -38.89 -4.87
CA TYR B 145 25.06 -37.84 -4.94
C TYR B 145 24.49 -36.44 -4.76
N PHE B 146 25.32 -35.54 -4.25
CA PHE B 146 24.93 -34.16 -3.99
C PHE B 146 25.68 -33.19 -4.87
N LEU B 147 26.73 -33.70 -5.51
CA LEU B 147 27.46 -32.94 -6.50
C LEU B 147 27.11 -33.54 -7.85
N PRO B 148 26.23 -32.89 -8.62
CA PRO B 148 25.85 -33.37 -9.96
C PRO B 148 27.05 -33.53 -10.93
N PRO B 149 26.89 -34.32 -11.99
CA PRO B 149 27.99 -34.64 -12.91
C PRO B 149 28.61 -33.41 -13.58
N GLY B 150 29.91 -33.22 -13.41
CA GLY B 150 30.62 -32.11 -14.05
C GLY B 150 30.49 -30.78 -13.34
N VAL B 151 29.70 -30.75 -12.26
CA VAL B 151 29.53 -29.56 -11.43
C VAL B 151 30.81 -29.28 -10.60
N ARG B 152 31.23 -28.03 -10.59
CA ARG B 152 32.47 -27.61 -9.97
C ARG B 152 32.22 -26.86 -8.66
N ARG B 153 32.84 -27.35 -7.58
CA ARG B 153 32.72 -26.70 -6.29
C ARG B 153 33.91 -25.77 -6.04
N GLU B 154 33.63 -24.48 -5.86
CA GLU B 154 34.70 -23.49 -5.66
C GLU B 154 34.41 -22.53 -4.51
N PRO B 155 35.04 -22.74 -3.35
CA PRO B 155 34.84 -21.86 -2.20
C PRO B 155 35.16 -20.40 -2.52
N VAL B 156 34.45 -19.49 -1.86
CA VAL B 156 34.57 -18.05 -2.13
C VAL B 156 35.08 -17.38 -0.86
N ARG B 157 36.20 -16.69 -1.01
CA ARG B 157 36.82 -15.92 0.06
C ARG B 157 37.39 -14.64 -0.55
N VAL B 158 36.49 -13.80 -1.05
CA VAL B 158 36.86 -12.58 -1.74
C VAL B 158 36.37 -11.42 -0.89
N GLY B 159 37.32 -10.68 -0.31
CA GLY B 159 37.02 -9.56 0.56
C GLY B 159 36.48 -10.06 1.89
N ARG B 160 35.28 -9.59 2.23
CA ARG B 160 34.58 -9.99 3.45
C ARG B 160 33.75 -11.26 3.19
N VAL B 161 33.49 -11.53 1.90
CA VAL B 161 32.46 -12.47 1.44
C VAL B 161 32.85 -13.94 1.59
N ARG B 162 31.99 -14.70 2.29
CA ARG B 162 32.24 -16.11 2.55
C ARG B 162 31.09 -16.97 2.02
N GLY B 163 31.41 -17.91 1.14
CA GLY B 163 30.43 -18.86 0.61
C GLY B 163 31.10 -19.90 -0.25
N THR B 164 30.31 -20.54 -1.10
CA THR B 164 30.81 -21.55 -2.02
C THR B 164 30.04 -21.47 -3.32
N LEU B 165 30.76 -21.31 -4.41
CA LEU B 165 30.13 -21.23 -5.72
C LEU B 165 30.12 -22.59 -6.41
N PHE B 166 28.97 -22.95 -6.96
CA PHE B 166 28.84 -24.18 -7.74
C PHE B 166 28.56 -23.84 -9.21
N LEU B 167 29.32 -24.45 -10.12
CA LEU B 167 29.18 -24.13 -11.54
C LEU B 167 28.93 -25.40 -12.33
N PRO B 168 28.09 -25.33 -13.37
CA PRO B 168 27.91 -26.47 -14.28
C PRO B 168 29.22 -26.74 -15.05
N PRO B 169 29.31 -27.88 -15.74
CA PRO B 169 30.44 -28.09 -16.64
C PRO B 169 30.54 -26.93 -17.64
N GLU B 170 31.77 -26.51 -17.91
CA GLU B 170 32.07 -25.63 -19.04
C GLU B 170 31.47 -26.26 -20.31
N PRO B 171 31.05 -25.46 -21.29
CA PRO B 171 31.29 -24.02 -21.33
C PRO B 171 30.21 -23.15 -20.68
N GLY B 172 30.62 -21.97 -20.22
CA GLY B 172 29.71 -20.94 -19.73
C GLY B 172 29.31 -19.99 -20.85
N PRO B 173 28.76 -18.83 -20.52
CA PRO B 173 28.46 -18.44 -19.14
C PRO B 173 27.07 -18.95 -18.68
N PHE B 174 26.77 -18.83 -17.39
CA PHE B 174 25.53 -19.36 -16.83
C PHE B 174 24.78 -18.27 -16.06
N PRO B 175 23.44 -18.34 -16.01
CA PRO B 175 22.68 -17.44 -15.14
C PRO B 175 23.08 -17.71 -13.70
N GLY B 176 23.21 -16.64 -12.92
CA GLY B 176 23.74 -16.73 -11.56
C GLY B 176 22.66 -16.54 -10.51
N ILE B 177 22.78 -17.32 -9.44
CA ILE B 177 21.87 -17.27 -8.30
C ILE B 177 22.66 -17.22 -6.98
N VAL B 178 22.22 -16.37 -6.06
CA VAL B 178 22.68 -16.42 -4.68
C VAL B 178 21.68 -17.25 -3.86
N ASP B 179 22.19 -18.25 -3.12
CA ASP B 179 21.39 -19.23 -2.37
C ASP B 179 21.59 -18.99 -0.86
N MSE B 180 20.50 -18.89 -0.11
CA MSE B 180 20.59 -18.54 1.30
C MSE B 180 19.65 -19.34 2.17
O MSE B 180 18.46 -19.53 1.85
CB MSE B 180 20.32 -17.03 1.51
CG MSE B 180 21.39 -16.08 0.94
SE MSE B 180 20.93 -14.32 1.11
CE MSE B 180 20.98 -14.26 2.86
N PHE B 181 20.16 -19.80 3.30
CA PHE B 181 19.37 -20.52 4.29
C PHE B 181 19.09 -19.64 5.51
N GLY B 182 18.24 -20.15 6.40
CA GLY B 182 17.81 -19.41 7.58
C GLY B 182 18.80 -19.42 8.74
N THR B 183 18.31 -19.10 9.94
CA THR B 183 19.16 -19.00 11.12
C THR B 183 19.71 -20.37 11.51
N GLY B 184 20.82 -20.35 12.25
CA GLY B 184 21.50 -21.54 12.68
C GLY B 184 22.97 -21.41 12.36
N GLY B 185 23.32 -20.35 11.63
CA GLY B 185 24.69 -20.11 11.18
C GLY B 185 25.29 -21.23 10.34
N GLY B 186 26.59 -21.13 10.09
CA GLY B 186 27.29 -22.09 9.25
C GLY B 186 27.00 -21.84 7.78
N LEU B 187 27.27 -22.85 6.96
CA LEU B 187 26.98 -22.77 5.54
C LEU B 187 26.42 -24.07 5.01
N LEU B 188 25.19 -24.02 4.55
CA LEU B 188 24.56 -25.18 3.93
C LEU B 188 24.68 -25.10 2.41
N GLU B 189 25.34 -26.09 1.83
CA GLU B 189 25.69 -26.08 0.41
C GLU B 189 24.84 -27.01 -0.45
N TYR B 190 24.11 -27.93 0.17
CA TYR B 190 23.52 -29.03 -0.59
C TYR B 190 22.50 -28.59 -1.63
N ARG B 191 21.80 -27.49 -1.39
CA ARG B 191 20.80 -26.99 -2.34
C ARG B 191 21.47 -26.34 -3.56
N ALA B 192 22.49 -25.53 -3.34
CA ALA B 192 23.23 -24.90 -4.42
C ALA B 192 23.87 -25.95 -5.31
N SER B 193 24.45 -26.98 -4.69
CA SER B 193 25.16 -27.99 -5.44
C SER B 193 24.21 -28.73 -6.36
N LEU B 194 23.07 -29.14 -5.81
CA LEU B 194 22.03 -29.80 -6.61
C LEU B 194 21.48 -28.89 -7.71
N LEU B 195 21.31 -27.61 -7.38
CA LEU B 195 20.72 -26.67 -8.33
C LEU B 195 21.67 -26.32 -9.49
N ALA B 196 22.97 -26.24 -9.21
CA ALA B 196 23.97 -26.08 -10.28
C ALA B 196 23.84 -27.18 -11.33
N GLY B 197 23.27 -28.32 -10.92
CA GLY B 197 23.02 -29.44 -11.83
C GLY B 197 22.00 -29.11 -12.89
N LYS B 198 21.28 -28.00 -12.69
CA LYS B 198 20.21 -27.62 -13.59
C LYS B 198 20.64 -26.54 -14.59
N GLY B 199 21.92 -26.18 -14.56
CA GLY B 199 22.50 -25.27 -15.52
C GLY B 199 22.62 -23.84 -15.01
N PHE B 200 22.60 -23.69 -13.69
CA PHE B 200 22.79 -22.38 -13.05
C PHE B 200 24.13 -22.32 -12.28
N ALA B 201 24.76 -21.16 -12.28
CA ALA B 201 25.87 -20.86 -11.39
C ALA B 201 25.26 -20.43 -10.05
N VAL B 202 25.45 -21.24 -9.01
CA VAL B 202 24.77 -20.96 -7.76
C VAL B 202 25.77 -20.81 -6.62
N MSE B 203 25.71 -19.66 -5.95
CA MSE B 203 26.58 -19.41 -4.80
C MSE B 203 25.82 -19.57 -3.49
O MSE B 203 24.97 -18.76 -3.15
CB MSE B 203 27.22 -18.02 -4.89
CG MSE B 203 28.17 -17.69 -3.73
SE MSE B 203 29.06 -16.10 -3.86
CE MSE B 203 27.70 -14.95 -3.70
N ALA B 204 26.16 -20.62 -2.75
CA ALA B 204 25.73 -20.77 -1.37
C ALA B 204 26.38 -19.67 -0.53
N LEU B 205 25.57 -18.78 0.04
CA LEU B 205 26.11 -17.60 0.75
C LEU B 205 25.97 -17.67 2.26
N ALA B 206 27.08 -17.60 3.00
CA ALA B 206 27.00 -17.49 4.46
C ALA B 206 26.98 -16.03 4.91
N TYR B 207 26.53 -15.81 6.14
CA TYR B 207 26.41 -14.44 6.68
C TYR B 207 26.59 -14.36 8.19
N TYR B 208 26.66 -15.48 8.88
CA TYR B 208 27.13 -15.47 10.28
C TYR B 208 27.54 -16.84 10.80
N ASN B 209 28.38 -16.85 11.83
CA ASN B 209 28.89 -18.08 12.47
C ASN B 209 29.47 -19.06 11.45
N TYR B 210 30.36 -18.56 10.60
CA TYR B 210 31.07 -19.38 9.61
C TYR B 210 32.39 -18.71 9.28
N GLU B 211 33.49 -19.42 9.55
CA GLU B 211 34.85 -18.93 9.32
C GLU B 211 35.08 -17.59 10.04
N ASP B 212 35.61 -16.60 9.32
CA ASP B 212 35.95 -15.31 9.92
C ASP B 212 34.79 -14.30 9.89
N LEU B 213 33.58 -14.83 9.94
CA LEU B 213 32.35 -14.03 10.00
C LEU B 213 31.97 -13.83 11.46
N PRO B 214 31.20 -12.77 11.77
CA PRO B 214 30.65 -12.59 13.12
C PRO B 214 29.91 -13.83 13.63
N LYS B 215 30.02 -14.10 14.93
CA LYS B 215 29.44 -15.28 15.58
C LYS B 215 27.94 -15.12 15.87
N THR B 216 27.50 -13.87 15.91
CA THR B 216 26.14 -13.52 16.30
C THR B 216 25.41 -12.79 15.16
N MSE B 217 24.08 -12.73 15.24
CA MSE B 217 23.27 -12.17 14.18
C MSE B 217 22.51 -10.89 14.58
O MSE B 217 21.70 -10.37 13.82
CB MSE B 217 22.27 -13.22 13.69
CG MSE B 217 21.82 -13.04 12.26
SE MSE B 217 20.13 -13.99 11.95
CE MSE B 217 18.89 -12.82 13.00
N GLU B 218 22.81 -10.38 15.79
CA GLU B 218 22.11 -9.21 16.35
C GLU B 218 22.08 -7.98 15.42
N THR B 219 23.11 -7.83 14.59
CA THR B 219 23.14 -6.80 13.55
C THR B 219 23.67 -7.38 12.25
N LEU B 220 22.96 -7.14 11.16
CA LEU B 220 23.40 -7.56 9.83
C LEU B 220 23.43 -6.36 8.92
N HIS B 221 24.45 -6.30 8.05
CA HIS B 221 24.63 -5.16 7.17
C HIS B 221 24.41 -5.60 5.73
N LEU B 222 23.52 -4.92 5.03
CA LEU B 222 23.19 -5.29 3.65
C LEU B 222 24.33 -5.02 2.66
N GLU B 223 25.33 -4.24 3.08
CA GLU B 223 26.52 -4.00 2.27
C GLU B 223 27.24 -5.31 1.96
N TYR B 224 27.38 -6.16 2.98
CA TYR B 224 27.89 -7.53 2.80
C TYR B 224 27.22 -8.28 1.66
N PHE B 225 25.87 -8.26 1.65
CA PHE B 225 25.08 -8.96 0.66
C PHE B 225 25.21 -8.30 -0.71
N GLU B 226 25.37 -6.99 -0.74
CA GLU B 226 25.64 -6.26 -1.98
C GLU B 226 26.99 -6.68 -2.54
N GLU B 227 27.95 -6.88 -1.64
CA GLU B 227 29.31 -7.31 -2.03
C GLU B 227 29.28 -8.73 -2.62
N ALA B 228 28.58 -9.65 -1.96
CA ALA B 228 28.50 -11.03 -2.41
C ALA B 228 27.86 -11.05 -3.79
N MSE B 229 26.77 -10.31 -3.89
CA MSE B 229 26.02 -10.19 -5.12
C MSE B 229 26.88 -9.65 -6.27
O MSE B 229 26.87 -10.19 -7.38
CB MSE B 229 24.83 -9.26 -4.85
CG MSE B 229 23.90 -9.14 -6.00
SE MSE B 229 22.79 -7.75 -5.79
CE MSE B 229 22.83 -7.20 -7.46
N ASN B 230 27.63 -8.57 -5.99
CA ASN B 230 28.56 -8.01 -6.97
C ASN B 230 29.68 -8.95 -7.40
N TYR B 231 30.30 -9.62 -6.43
CA TYR B 231 31.24 -10.69 -6.78
C TYR B 231 30.63 -11.65 -7.80
N LEU B 232 29.41 -12.13 -7.54
CA LEU B 232 28.77 -13.12 -8.43
C LEU B 232 28.59 -12.55 -9.84
N LEU B 233 28.11 -11.31 -9.91
CA LEU B 233 27.93 -10.60 -11.18
C LEU B 233 29.26 -10.37 -11.90
N SER B 234 30.33 -10.16 -11.13
CA SER B 234 31.68 -9.97 -11.69
C SER B 234 32.21 -11.24 -12.35
N HIS B 235 31.96 -12.38 -11.71
CA HIS B 235 32.51 -13.67 -12.14
C HIS B 235 32.46 -13.87 -13.66
N PRO B 236 33.59 -14.26 -14.25
CA PRO B 236 33.70 -14.47 -15.70
C PRO B 236 32.71 -15.46 -16.30
N GLU B 237 32.25 -16.43 -15.50
CA GLU B 237 31.33 -17.45 -16.01
C GLU B 237 29.83 -17.19 -15.70
N VAL B 238 29.52 -16.02 -15.14
CA VAL B 238 28.13 -15.62 -14.86
C VAL B 238 27.60 -14.70 -15.97
N LYS B 239 26.44 -15.06 -16.53
CA LYS B 239 25.86 -14.39 -17.70
C LYS B 239 25.48 -12.91 -17.49
N GLY B 240 24.58 -12.63 -16.55
CA GLY B 240 24.07 -11.27 -16.37
C GLY B 240 22.73 -11.07 -17.09
N PRO B 241 22.18 -9.86 -17.10
CA PRO B 241 22.76 -8.66 -16.48
C PRO B 241 22.48 -8.55 -14.97
N GLY B 242 21.49 -9.29 -14.49
CA GLY B 242 21.17 -9.29 -13.07
C GLY B 242 21.32 -10.67 -12.44
N VAL B 243 20.97 -10.76 -11.16
CA VAL B 243 21.15 -12.01 -10.41
C VAL B 243 19.81 -12.57 -9.91
N GLY B 244 19.76 -13.88 -9.68
CA GLY B 244 18.61 -14.50 -9.04
C GLY B 244 18.95 -14.66 -7.57
N LEU B 245 17.94 -14.63 -6.72
CA LEU B 245 18.09 -14.92 -5.29
C LEU B 245 17.14 -16.05 -4.94
N LEU B 246 17.64 -17.01 -4.15
CA LEU B 246 16.83 -18.12 -3.68
C LEU B 246 17.05 -18.20 -2.19
N GLY B 247 15.99 -18.07 -1.41
CA GLY B 247 16.16 -18.09 0.03
C GLY B 247 15.03 -18.77 0.75
N ILE B 248 15.36 -19.45 1.85
CA ILE B 248 14.35 -20.06 2.68
C ILE B 248 14.46 -19.50 4.08
N SER B 249 13.33 -19.22 4.71
CA SER B 249 13.30 -18.83 6.12
C SER B 249 13.93 -17.42 6.24
N LYS B 250 14.79 -17.16 7.24
CA LYS B 250 15.53 -15.89 7.24
C LYS B 250 16.20 -15.60 5.89
N GLY B 251 16.68 -16.62 5.20
CA GLY B 251 17.22 -16.42 3.85
C GLY B 251 16.23 -15.84 2.85
N GLY B 252 14.95 -16.15 3.04
CA GLY B 252 13.89 -15.65 2.17
C GLY B 252 13.60 -14.21 2.55
N GLU B 253 13.49 -13.98 3.85
CA GLU B 253 13.42 -12.64 4.38
C GLU B 253 14.53 -11.76 3.78
N LEU B 254 15.77 -12.25 3.79
CA LEU B 254 16.91 -11.53 3.21
C LEU B 254 16.83 -11.34 1.70
N CYS B 255 16.19 -12.28 0.98
CA CYS B 255 15.86 -12.03 -0.43
C CYS B 255 15.03 -10.77 -0.59
N LEU B 256 14.06 -10.58 0.31
CA LEU B 256 13.17 -9.40 0.23
C LEU B 256 13.89 -8.10 0.54
N SER B 257 14.71 -8.07 1.59
CA SER B 257 15.53 -6.90 1.92
C SER B 257 16.57 -6.59 0.83
N MSE B 258 17.22 -7.62 0.30
CA MSE B 258 18.16 -7.45 -0.78
C MSE B 258 17.48 -6.83 -1.99
O MSE B 258 17.99 -5.87 -2.56
CB MSE B 258 18.83 -8.77 -1.18
CG MSE B 258 19.95 -9.21 -0.23
SE MSE B 258 20.73 -10.79 -0.68
CE MSE B 258 21.24 -10.42 -2.35
N ALA B 259 16.31 -7.36 -2.36
CA ALA B 259 15.59 -6.88 -3.53
C ALA B 259 15.02 -5.47 -3.32
N SER B 260 14.73 -5.12 -2.07
CA SER B 260 14.15 -3.83 -1.73
C SER B 260 15.19 -2.71 -1.77
N PHE B 261 16.34 -2.95 -1.16
CA PHE B 261 17.36 -1.92 -1.04
C PHE B 261 18.41 -1.88 -2.16
N LEU B 262 18.74 -3.03 -2.73
CA LEU B 262 19.87 -3.15 -3.67
C LEU B 262 19.42 -3.28 -5.14
N LYS B 263 20.29 -2.84 -6.05
CA LYS B 263 20.05 -2.98 -7.49
C LYS B 263 20.70 -4.24 -8.02
N GLY B 264 20.34 -4.65 -9.23
CA GLY B 264 20.95 -5.81 -9.89
C GLY B 264 20.26 -7.15 -9.62
N ILE B 265 19.06 -7.12 -9.02
CA ILE B 265 18.33 -8.35 -8.70
C ILE B 265 17.18 -8.55 -9.67
N THR B 266 17.34 -9.49 -10.59
CA THR B 266 16.34 -9.77 -11.62
C THR B 266 15.11 -10.51 -11.07
N ALA B 267 15.36 -11.53 -10.25
CA ALA B 267 14.28 -12.39 -9.75
C ALA B 267 14.63 -13.01 -8.39
N ALA B 268 13.60 -13.28 -7.59
CA ALA B 268 13.78 -13.90 -6.27
C ALA B 268 12.73 -14.96 -5.99
N VAL B 269 13.18 -16.09 -5.49
CA VAL B 269 12.30 -17.17 -5.05
C VAL B 269 12.39 -17.20 -3.52
N VAL B 270 11.25 -16.93 -2.86
CA VAL B 270 11.22 -16.77 -1.41
C VAL B 270 10.42 -17.94 -0.84
N ILE B 271 11.11 -18.84 -0.16
CA ILE B 271 10.47 -20.03 0.41
C ILE B 271 10.24 -19.80 1.90
N ASN B 272 8.97 -19.73 2.28
CA ASN B 272 8.61 -19.53 3.70
C ASN B 272 9.39 -18.37 4.34
N GLY B 273 9.49 -17.27 3.60
CA GLY B 273 10.16 -16.08 4.12
C GLY B 273 9.21 -15.22 4.91
N SER B 274 9.74 -14.12 5.44
CA SER B 274 8.95 -13.17 6.21
C SER B 274 9.15 -11.76 5.64
N VAL B 275 8.08 -10.94 5.57
CA VAL B 275 8.24 -9.50 5.24
C VAL B 275 8.59 -8.63 6.43
N ALA B 276 8.59 -9.21 7.62
CA ALA B 276 9.05 -8.51 8.79
C ALA B 276 10.50 -8.89 9.00
N ASN B 277 11.33 -7.90 9.30
CA ASN B 277 12.68 -8.19 9.73
C ASN B 277 12.63 -8.84 11.12
N VAL B 278 13.19 -10.04 11.25
CA VAL B 278 13.11 -10.77 12.51
C VAL B 278 14.47 -11.30 13.02
N GLY B 279 14.65 -11.18 14.34
CA GLY B 279 15.80 -11.74 15.01
C GLY B 279 16.92 -10.74 15.32
N GLY B 280 17.15 -9.80 14.41
CA GLY B 280 18.21 -8.82 14.60
C GLY B 280 17.91 -7.49 13.93
N THR B 281 18.84 -6.56 14.06
CA THR B 281 18.74 -5.27 13.40
C THR B 281 19.36 -5.38 12.01
N LEU B 282 18.65 -4.90 11.01
CA LEU B 282 19.17 -4.87 9.65
C LEU B 282 19.61 -3.43 9.34
N ARG B 283 20.79 -3.28 8.75
CA ARG B 283 21.24 -1.94 8.33
C ARG B 283 21.70 -1.89 6.88
N TYR B 284 21.36 -0.81 6.21
CA TYR B 284 21.94 -0.47 4.93
C TYR B 284 22.17 1.02 4.95
N LYS B 285 23.44 1.41 4.90
CA LYS B 285 23.84 2.81 4.91
C LYS B 285 23.13 3.51 6.06
N GLY B 286 22.29 4.51 5.75
CA GLY B 286 21.59 5.26 6.78
C GLY B 286 20.22 4.72 7.18
N GLU B 287 19.85 3.56 6.62
CA GLU B 287 18.55 2.96 6.89
C GLU B 287 18.66 1.84 7.90
N THR B 288 17.66 1.75 8.78
CA THR B 288 17.63 0.72 9.81
C THR B 288 16.25 0.06 9.96
N LEU B 289 16.24 -1.27 9.97
CA LEU B 289 15.06 -2.02 10.37
C LEU B 289 15.33 -2.73 11.69
N PRO B 290 14.54 -2.39 12.71
CA PRO B 290 14.63 -3.09 14.00
C PRO B 290 14.01 -4.49 13.93
N PRO B 291 14.39 -5.39 14.84
CA PRO B 291 13.73 -6.69 14.92
C PRO B 291 12.27 -6.50 15.30
N VAL B 292 11.37 -7.27 14.68
CA VAL B 292 9.95 -7.24 15.02
C VAL B 292 9.77 -7.70 16.47
N GLY B 293 8.75 -7.16 17.12
CA GLY B 293 8.45 -7.55 18.50
C GLY B 293 8.00 -9.00 18.63
N VAL B 294 8.14 -9.53 19.84
CA VAL B 294 7.76 -10.91 20.15
C VAL B 294 6.82 -10.89 21.35
N ASN B 295 6.19 -12.02 21.65
CA ASN B 295 5.39 -12.19 22.86
C ASN B 295 5.34 -13.67 23.19
N ARG B 296 6.17 -14.07 24.15
CA ARG B 296 6.35 -15.49 24.53
C ARG B 296 5.10 -16.13 25.12
N ASN B 297 4.07 -15.33 25.39
CA ASN B 297 2.83 -15.85 25.95
C ASN B 297 1.93 -16.51 24.90
N ARG B 298 2.15 -16.14 23.64
CA ARG B 298 1.34 -16.65 22.53
C ARG B 298 1.79 -18.03 22.03
N ILE B 299 2.75 -18.64 22.72
CA ILE B 299 3.16 -20.02 22.46
C ILE B 299 2.02 -20.96 22.84
N LYS B 300 1.90 -22.08 22.14
CA LYS B 300 0.92 -23.11 22.46
C LYS B 300 1.58 -24.47 22.63
N VAL B 301 1.05 -25.26 23.57
CA VAL B 301 1.49 -26.65 23.75
C VAL B 301 0.33 -27.58 23.36
N THR B 302 0.56 -28.40 22.33
CA THR B 302 -0.48 -29.29 21.77
C THR B 302 0.10 -30.22 20.68
N LYS B 303 -0.39 -31.47 20.60
CA LYS B 303 -1.24 -32.09 21.61
C LYS B 303 -0.31 -32.81 22.59
N ASP B 304 0.79 -33.31 22.05
CA ASP B 304 1.91 -33.82 22.82
C ASP B 304 2.64 -32.62 23.41
N GLY B 305 3.67 -32.88 24.21
CA GLY B 305 4.40 -31.81 24.88
C GLY B 305 5.20 -30.87 23.97
N TYR B 306 4.76 -30.72 22.73
CA TYR B 306 5.48 -29.91 21.73
C TYR B 306 5.06 -28.45 21.77
N ALA B 307 6.05 -27.57 21.67
CA ALA B 307 5.82 -26.13 21.55
C ALA B 307 5.38 -25.75 20.14
N ASP B 308 4.47 -24.80 20.04
CA ASP B 308 3.99 -24.29 18.76
C ASP B 308 4.13 -22.77 18.78
N ILE B 309 5.20 -22.28 18.13
CA ILE B 309 5.60 -20.88 18.22
C ILE B 309 5.10 -20.01 17.06
N VAL B 310 4.06 -20.48 16.37
CA VAL B 310 3.61 -19.82 15.13
C VAL B 310 3.06 -18.39 15.36
N ASP B 311 2.55 -18.13 16.55
CA ASP B 311 1.86 -16.88 16.86
C ASP B 311 2.71 -15.89 17.67
N VAL B 312 3.98 -16.22 17.92
CA VAL B 312 4.82 -15.41 18.81
C VAL B 312 5.24 -14.05 18.25
N LEU B 313 5.51 -14.01 16.94
CA LEU B 313 5.96 -12.76 16.34
C LEU B 313 4.81 -11.76 16.23
N ASN B 314 5.03 -10.54 16.71
CA ASN B 314 4.07 -9.45 16.55
C ASN B 314 3.80 -9.18 15.07
N SER B 315 2.62 -8.67 14.75
CA SER B 315 2.29 -8.24 13.39
C SER B 315 3.07 -6.99 13.01
N PRO B 316 3.70 -6.99 11.83
CA PRO B 316 4.41 -5.80 11.34
C PRO B 316 3.45 -4.81 10.69
N LEU B 317 2.15 -5.03 10.88
CA LEU B 317 1.13 -4.14 10.33
C LEU B 317 0.68 -3.06 11.31
N GLU B 318 0.84 -3.33 12.61
CA GLU B 318 0.29 -2.44 13.63
C GLU B 318 1.34 -1.87 14.59
N GLY B 319 1.21 -0.57 14.86
CA GLY B 319 2.01 0.09 15.88
C GLY B 319 3.49 0.23 15.56
N PRO B 320 4.34 0.10 16.59
CA PRO B 320 5.78 0.35 16.43
C PRO B 320 6.48 -0.75 15.63
N ASP B 321 5.79 -1.86 15.44
CA ASP B 321 6.31 -3.00 14.70
C ASP B 321 6.24 -2.77 13.19
N GLN B 322 5.55 -1.70 12.78
CA GLN B 322 5.49 -1.31 11.37
C GLN B 322 6.87 -0.91 10.85
N LYS B 323 7.79 -0.61 11.78
CA LYS B 323 9.17 -0.21 11.48
C LYS B 323 9.98 -1.41 10.97
N SER B 324 9.48 -2.62 11.26
CA SER B 324 10.13 -3.87 10.87
C SER B 324 9.70 -4.37 9.50
N PHE B 325 8.71 -3.72 8.89
CA PHE B 325 8.21 -4.13 7.59
C PHE B 325 9.23 -3.79 6.51
N ILE B 326 9.61 -4.80 5.73
CA ILE B 326 10.59 -4.63 4.65
C ILE B 326 9.95 -3.89 3.46
N PRO B 327 10.50 -2.73 3.10
CA PRO B 327 9.89 -1.86 2.08
C PRO B 327 9.95 -2.43 0.67
N VAL B 328 9.21 -3.52 0.46
CA VAL B 328 9.22 -4.25 -0.81
C VAL B 328 8.74 -3.45 -2.02
N GLU B 329 7.93 -2.42 -1.82
CA GLU B 329 7.52 -1.52 -2.91
C GLU B 329 8.72 -0.94 -3.67
N ARG B 330 9.88 -0.96 -3.03
CA ARG B 330 11.10 -0.38 -3.60
C ARG B 330 11.82 -1.34 -4.54
N ALA B 331 11.35 -2.59 -4.59
CA ALA B 331 12.00 -3.64 -5.39
C ALA B 331 11.57 -3.57 -6.83
N GLU B 332 12.52 -3.79 -7.74
CA GLU B 332 12.24 -3.97 -9.17
C GLU B 332 12.14 -5.47 -9.56
N SER B 333 12.66 -6.36 -8.71
CA SER B 333 12.71 -7.81 -9.01
C SER B 333 11.33 -8.43 -9.16
N THR B 334 11.26 -9.50 -9.93
CA THR B 334 10.05 -10.32 -9.97
C THR B 334 10.14 -11.31 -8.80
N PHE B 335 9.00 -11.63 -8.21
CA PHE B 335 8.97 -12.54 -7.06
C PHE B 335 8.11 -13.78 -7.32
N LEU B 336 8.60 -14.89 -6.75
CA LEU B 336 7.84 -16.12 -6.59
C LEU B 336 7.93 -16.54 -5.12
N PHE B 337 6.77 -16.62 -4.49
CA PHE B 337 6.68 -17.02 -3.10
C PHE B 337 6.19 -18.46 -3.09
N LEU B 338 6.95 -19.31 -2.40
CA LEU B 338 6.60 -20.70 -2.21
C LEU B 338 6.32 -20.85 -0.74
N VAL B 339 5.10 -21.23 -0.41
CA VAL B 339 4.64 -21.16 0.97
C VAL B 339 4.11 -22.51 1.44
N GLY B 340 4.49 -22.92 2.64
CA GLY B 340 3.90 -24.10 3.27
C GLY B 340 2.73 -23.65 4.11
N GLN B 341 1.53 -24.14 3.78
CA GLN B 341 0.30 -23.69 4.42
C GLN B 341 0.29 -24.10 5.88
N ASP B 342 1.06 -25.14 6.21
CA ASP B 342 1.10 -25.66 7.57
C ASP B 342 2.41 -25.30 8.26
N ASP B 343 3.06 -24.23 7.79
CA ASP B 343 4.24 -23.70 8.44
C ASP B 343 3.96 -23.30 9.89
N HIS B 344 4.58 -24.01 10.84
CA HIS B 344 4.43 -23.65 12.25
C HIS B 344 5.57 -22.87 12.85
N ASN B 345 6.57 -22.51 12.02
CA ASN B 345 7.63 -21.62 12.47
C ASN B 345 7.10 -20.20 12.59
N TRP B 346 6.40 -19.75 11.55
CA TRP B 346 5.84 -18.42 11.48
C TRP B 346 4.81 -18.38 10.37
N LYS B 347 4.10 -17.25 10.25
CA LYS B 347 2.96 -17.16 9.35
C LYS B 347 3.35 -16.86 7.91
N SER B 348 3.86 -17.86 7.20
CA SER B 348 4.41 -17.66 5.84
C SER B 348 3.40 -17.18 4.82
N GLU B 349 2.20 -17.77 4.77
CA GLU B 349 1.19 -17.28 3.82
C GLU B 349 0.84 -15.82 4.10
N PHE B 350 0.64 -15.51 5.38
CA PHE B 350 0.36 -14.14 5.83
C PHE B 350 1.44 -13.17 5.32
N TYR B 351 2.71 -13.49 5.54
CA TYR B 351 3.80 -12.65 5.03
C TYR B 351 3.79 -12.50 3.51
N ALA B 352 3.54 -13.60 2.80
CA ALA B 352 3.52 -13.56 1.33
C ALA B 352 2.38 -12.65 0.82
N ASN B 353 1.22 -12.79 1.45
CA ASN B 353 0.04 -11.95 1.14
C ASN B 353 0.34 -10.47 1.40
N GLU B 354 0.90 -10.16 2.58
CA GLU B 354 1.19 -8.76 2.95
C GLU B 354 2.28 -8.15 2.08
N ALA B 355 3.24 -8.95 1.63
CA ALA B 355 4.21 -8.48 0.64
C ALA B 355 3.51 -8.11 -0.66
N CYS B 356 2.63 -9.00 -1.12
CA CYS B 356 1.89 -8.82 -2.36
C CYS B 356 1.03 -7.55 -2.33
N LYS B 357 0.41 -7.28 -1.20
CA LYS B 357 -0.45 -6.10 -1.03
C LYS B 357 0.38 -4.81 -1.05
N ARG B 358 1.51 -4.83 -0.36
CA ARG B 358 2.41 -3.66 -0.40
C ARG B 358 2.84 -3.37 -1.84
N LEU B 359 3.25 -4.40 -2.56
CA LEU B 359 3.69 -4.27 -3.94
C LEU B 359 2.61 -3.72 -4.86
N GLN B 360 1.41 -4.27 -4.78
CA GLN B 360 0.30 -3.77 -5.61
C GLN B 360 -0.13 -2.34 -5.25
N ALA B 361 -0.04 -1.99 -3.96
CA ALA B 361 -0.31 -0.60 -3.51
C ALA B 361 0.60 0.45 -4.17
N HIS B 362 1.69 0.01 -4.79
CA HIS B 362 2.58 0.91 -5.50
C HIS B 362 2.65 0.62 -6.99
N GLY B 363 1.68 -0.17 -7.48
CA GLY B 363 1.59 -0.47 -8.90
C GLY B 363 2.71 -1.39 -9.38
N ARG B 364 3.35 -2.10 -8.45
CA ARG B 364 4.35 -3.10 -8.84
C ARG B 364 3.61 -4.33 -9.37
N ARG B 365 4.26 -5.09 -10.24
CA ARG B 365 3.65 -6.31 -10.76
C ARG B 365 3.23 -7.22 -9.60
N LYS B 366 2.18 -8.01 -9.82
CA LYS B 366 1.65 -8.91 -8.81
C LYS B 366 2.55 -10.15 -8.78
N PRO B 367 3.09 -10.49 -7.60
CA PRO B 367 3.96 -11.65 -7.47
C PRO B 367 3.14 -12.93 -7.48
N GLN B 368 3.72 -14.01 -8.01
CA GLN B 368 3.09 -15.32 -7.94
C GLN B 368 3.34 -15.88 -6.54
N ILE B 369 2.30 -16.42 -5.93
CA ILE B 369 2.36 -17.12 -4.66
C ILE B 369 1.86 -18.56 -4.90
N ILE B 370 2.67 -19.57 -4.55
CA ILE B 370 2.17 -20.94 -4.57
C ILE B 370 2.14 -21.48 -3.13
N CYS B 371 0.96 -21.88 -2.69
CA CYS B 371 0.75 -22.26 -1.30
C CYS B 371 0.43 -23.75 -1.23
N TYR B 372 1.28 -24.50 -0.52
CA TYR B 372 1.17 -25.94 -0.47
C TYR B 372 0.48 -26.38 0.82
N PRO B 373 -0.65 -27.08 0.69
CA PRO B 373 -1.36 -27.63 1.84
C PRO B 373 -0.53 -28.68 2.55
N GLU B 374 -0.70 -28.79 3.86
CA GLU B 374 -0.08 -29.82 4.71
C GLU B 374 1.44 -29.91 4.52
N THR B 375 2.05 -28.74 4.29
CA THR B 375 3.48 -28.58 4.06
C THR B 375 3.99 -27.61 5.14
N GLY B 376 5.12 -27.95 5.74
CA GLY B 376 5.61 -27.20 6.88
C GLY B 376 6.67 -26.19 6.50
N HIS B 377 7.42 -25.75 7.49
CA HIS B 377 8.42 -24.72 7.32
C HIS B 377 9.58 -25.13 6.40
N TYR B 378 10.15 -26.29 6.67
CA TYR B 378 11.33 -26.73 5.93
C TYR B 378 11.01 -27.42 4.62
N ILE B 379 10.71 -26.60 3.61
CA ILE B 379 10.63 -27.05 2.23
C ILE B 379 12.07 -27.19 1.67
N GLU B 380 12.59 -28.40 1.74
CA GLU B 380 13.93 -28.75 1.27
C GLU B 380 13.89 -29.22 -0.19
N PRO B 381 15.06 -29.44 -0.79
CA PRO B 381 15.12 -30.10 -2.10
C PRO B 381 14.43 -31.46 -2.04
N PRO B 382 13.99 -31.99 -3.18
CA PRO B 382 13.24 -33.25 -3.22
C PRO B 382 13.89 -34.39 -2.44
N TYR B 383 13.03 -35.17 -1.77
CA TYR B 383 13.38 -36.44 -1.13
C TYR B 383 14.11 -36.32 0.21
N PHE B 384 14.41 -35.09 0.63
CA PHE B 384 14.78 -34.87 2.03
C PHE B 384 13.55 -35.21 2.87
N PRO B 385 13.69 -36.14 3.81
CA PRO B 385 12.55 -36.54 4.63
C PRO B 385 12.06 -35.38 5.50
N LEU B 386 10.78 -35.40 5.83
CA LEU B 386 10.17 -34.37 6.66
C LEU B 386 10.65 -34.50 8.10
N CYS B 387 11.09 -33.37 8.67
CA CYS B 387 11.38 -33.31 10.10
C CYS B 387 10.22 -32.58 10.79
N ARG B 388 9.40 -33.33 11.53
CA ARG B 388 8.16 -32.76 12.05
C ARG B 388 8.41 -31.89 13.28
N ALA B 389 9.46 -32.22 14.03
CA ALA B 389 9.77 -31.53 15.29
C ALA B 389 11.26 -31.63 15.61
N SER B 390 11.82 -30.53 16.11
CA SER B 390 13.17 -30.51 16.65
C SER B 390 13.29 -29.36 17.65
N LEU B 391 14.36 -29.37 18.44
CA LEU B 391 14.60 -28.25 19.37
C LEU B 391 15.79 -27.42 18.91
N SER B 397 10.83 -26.58 24.55
CA SER B 397 11.88 -26.33 23.57
C SER B 397 11.81 -27.17 22.27
N PRO B 398 11.35 -28.44 22.34
CA PRO B 398 11.00 -29.17 21.11
C PRO B 398 9.78 -28.58 20.40
N ILE B 399 10.00 -27.91 19.28
CA ILE B 399 8.92 -27.25 18.55
C ILE B 399 8.54 -27.97 17.25
N ILE B 400 7.25 -27.91 16.90
CA ILE B 400 6.78 -28.44 15.61
C ILE B 400 7.05 -27.47 14.45
N TRP B 401 7.33 -28.04 13.28
CA TRP B 401 7.61 -27.25 12.07
C TRP B 401 6.44 -27.26 11.09
N GLY B 402 5.55 -28.25 11.26
CA GLY B 402 4.40 -28.46 10.40
C GLY B 402 4.68 -29.42 9.25
N GLY B 403 3.61 -29.87 8.60
CA GLY B 403 3.71 -30.72 7.43
C GLY B 403 3.25 -32.14 7.69
N GLU B 404 2.72 -32.77 6.65
CA GLU B 404 2.41 -34.20 6.67
C GLU B 404 3.32 -34.90 5.66
N PRO B 405 3.86 -36.08 6.01
CA PRO B 405 4.96 -36.68 5.22
C PRO B 405 4.72 -36.66 3.71
N ARG B 406 3.60 -37.21 3.26
CA ARG B 406 3.40 -37.36 1.81
C ARG B 406 3.17 -36.01 1.11
N ALA B 407 2.29 -35.18 1.67
CA ALA B 407 1.97 -33.87 1.12
C ALA B 407 3.21 -32.97 1.08
N HIS B 408 3.94 -32.91 2.18
CA HIS B 408 5.21 -32.18 2.23
C HIS B 408 6.19 -32.69 1.18
N ALA B 409 6.30 -34.02 1.07
CA ALA B 409 7.23 -34.62 0.13
C ALA B 409 6.88 -34.19 -1.29
N MSE B 410 5.59 -34.12 -1.60
CA MSE B 410 5.17 -33.80 -2.95
C MSE B 410 5.30 -32.30 -3.23
O MSE B 410 5.53 -31.90 -4.37
CB MSE B 410 3.74 -34.34 -3.23
CG MSE B 410 3.63 -35.90 -3.25
SE MSE B 410 4.75 -36.82 -4.38
CE MSE B 410 6.16 -37.19 -3.34
N ALA B 411 5.16 -31.48 -2.20
CA ALA B 411 5.42 -30.06 -2.31
C ALA B 411 6.92 -29.78 -2.57
N GLN B 412 7.80 -30.55 -1.93
CA GLN B 412 9.26 -30.37 -2.15
C GLN B 412 9.58 -30.66 -3.61
N VAL B 413 8.98 -31.72 -4.15
CA VAL B 413 9.20 -32.11 -5.55
C VAL B 413 8.68 -31.04 -6.50
N ASP B 414 7.48 -30.53 -6.21
CA ASP B 414 6.90 -29.49 -7.05
C ASP B 414 7.62 -28.16 -6.92
N ALA B 415 7.96 -27.74 -5.70
CA ALA B 415 8.70 -26.48 -5.49
C ALA B 415 10.02 -26.42 -6.28
N TRP B 416 10.71 -27.56 -6.36
CA TRP B 416 11.99 -27.69 -7.07
C TRP B 416 11.77 -27.46 -8.57
N LYS B 417 10.68 -28.01 -9.11
CA LYS B 417 10.31 -27.79 -10.51
C LYS B 417 9.92 -26.33 -10.73
N GLN B 418 9.14 -25.78 -9.80
CA GLN B 418 8.68 -24.37 -9.90
C GLN B 418 9.85 -23.39 -9.94
N LEU B 419 10.77 -23.46 -8.97
CA LEU B 419 11.92 -22.54 -8.94
C LEU B 419 12.82 -22.62 -10.19
N GLN B 420 13.02 -23.82 -10.73
CA GLN B 420 13.82 -24.03 -11.94
C GLN B 420 13.18 -23.35 -13.17
N THR B 421 11.88 -23.59 -13.36
CA THR B 421 11.09 -22.95 -14.43
C THR B 421 11.17 -21.41 -14.34
N PHE B 422 10.87 -20.89 -13.16
CA PHE B 422 10.93 -19.45 -12.85
C PHE B 422 12.31 -18.83 -13.11
N PHE B 423 13.36 -19.45 -12.57
CA PHE B 423 14.73 -18.95 -12.77
C PHE B 423 15.19 -19.03 -14.23
N HIS B 424 14.89 -20.13 -14.91
CA HIS B 424 15.21 -20.26 -16.34
C HIS B 424 14.49 -19.21 -17.21
N LYS B 425 13.28 -18.83 -16.80
CA LYS B 425 12.49 -17.84 -17.52
C LYS B 425 13.03 -16.42 -17.37
N HIS B 426 13.28 -16.01 -16.13
CA HIS B 426 13.66 -14.63 -15.86
C HIS B 426 15.15 -14.38 -16.01
N LEU B 427 15.95 -15.44 -15.99
CA LEU B 427 17.40 -15.34 -16.05
C LEU B 427 17.97 -15.83 -17.38
#